data_3BT7
#
_entry.id   3BT7
#
_cell.length_a   184.407
_cell.length_b   70.131
_cell.length_c   107.950
_cell.angle_alpha   90.00
_cell.angle_beta   120.88
_cell.angle_gamma   90.00
#
_symmetry.space_group_name_H-M   'C 1 2 1'
#
loop_
_entity.id
_entity.type
_entity.pdbx_description
1 polymer 'tRNA (uracil-5-)-methyltransferase'
2 polymer "RNA (5'-D(P*GP*CP*UP*GP*UP*GP*(5MU)P*UP*CP*GP*AP*UP*CP*CP*AP*CP*AP*GP*C)-3')"
3 water water
#
loop_
_entity_poly.entity_id
_entity_poly.type
_entity_poly.pdbx_seq_one_letter_code
_entity_poly.pdbx_strand_id
1 'polypeptide(L)'
;GSHMTPEHLPTEQYEAQLAEKVVRLQSMMAPFSDLVPEVFRSPVSHYRMRAEFRIWHDGDDLYHIIFDQQTKSRIRVDSF
PAASELINQLMTAMIAGVRNNPVLRHKLFQIDYLTTLSNQAVVSLLYHKKLDDEWRQEAEALRDALRAQNLNVHLIGRAT
KTKIELDQDYIDERLPVAGKEMIYRQVENSFTQPNAAMNIQMLEWALDVTKGSKGDLLELYCGNGNFSLALARNFDRVLA
TEIAKPSVAAAQYNIAANHIDNVQIIRMAAEEFTQAMNGVREFNRLQGIDLKSYQCETIFVDPPRSGLDSETEKMVQAYP
RILYISCNPETLCKNLETLSQTHKVERLALFDQFPYTHHMQCGVLLTAK
;
A,B
2 'polyribonucleotide' GCUGUG(5MU)UCGAUCCACAGC C,D
#
loop_
_chem_comp.id
_chem_comp.type
_chem_comp.name
_chem_comp.formula
5MU RNA linking '5-METHYLURIDINE 5'-MONOPHOSPHATE' 'C10 H15 N2 O9 P'
A RNA linking ADENOSINE-5'-MONOPHOSPHATE 'C10 H14 N5 O7 P'
C RNA linking CYTIDINE-5'-MONOPHOSPHATE 'C9 H14 N3 O8 P'
G RNA linking GUANOSINE-5'-MONOPHOSPHATE 'C10 H14 N5 O8 P'
U RNA linking URIDINE-5'-MONOPHOSPHATE 'C9 H13 N2 O9 P'
#
# COMPACT_ATOMS: atom_id res chain seq x y z
N GLY A 1 -13.83 -20.79 27.88
CA GLY A 1 -12.53 -21.51 27.78
C GLY A 1 -11.84 -21.30 26.46
N SER A 2 -11.10 -22.31 25.98
CA SER A 2 -10.31 -22.11 24.72
C SER A 2 -9.94 -23.41 23.95
N HIS A 3 -10.90 -24.32 23.91
CA HIS A 3 -10.68 -25.61 23.28
C HIS A 3 -10.54 -25.45 21.75
N MET A 4 -9.95 -26.45 21.13
CA MET A 4 -9.94 -26.65 19.68
C MET A 4 -11.17 -27.42 19.22
N THR A 5 -11.42 -27.36 17.92
CA THR A 5 -12.45 -28.17 17.28
C THR A 5 -11.78 -29.27 16.43
N PRO A 6 -12.14 -30.54 16.66
CA PRO A 6 -11.50 -31.68 16.02
C PRO A 6 -12.15 -32.16 14.73
N GLU A 7 -11.38 -32.92 13.96
CA GLU A 7 -11.88 -33.50 12.71
C GLU A 7 -13.03 -34.42 12.97
N HIS A 8 -12.93 -35.24 14.00
CA HIS A 8 -14.05 -36.10 14.38
C HIS A 8 -14.86 -35.48 15.52
N LEU A 9 -16.15 -35.29 15.26
CA LEU A 9 -17.09 -34.66 16.19
C LEU A 9 -17.85 -35.69 16.99
N PRO A 10 -17.72 -35.65 18.32
CA PRO A 10 -18.45 -36.59 19.15
C PRO A 10 -19.89 -36.15 19.32
N THR A 11 -20.65 -36.36 18.25
CA THR A 11 -22.04 -35.91 18.13
C THR A 11 -22.93 -36.56 19.17
N GLU A 12 -22.52 -37.74 19.65
CA GLU A 12 -23.22 -38.48 20.74
C GLU A 12 -23.15 -37.73 22.05
N GLN A 13 -22.19 -36.82 22.13
CA GLN A 13 -21.91 -36.05 23.34
C GLN A 13 -22.44 -34.63 23.24
N TYR A 14 -23.15 -34.34 22.16
CA TYR A 14 -23.55 -32.95 21.94
C TYR A 14 -24.32 -32.43 23.16
N GLU A 15 -25.35 -33.21 23.50
CA GLU A 15 -26.30 -32.81 24.49
C GLU A 15 -25.68 -32.69 25.89
N ALA A 16 -24.77 -33.59 26.21
CA ALA A 16 -24.06 -33.57 27.51
C ALA A 16 -23.09 -32.40 27.55
N GLN A 17 -22.54 -32.13 26.39
CA GLN A 17 -21.50 -31.08 26.25
C GLN A 17 -22.13 -29.73 26.51
N LEU A 18 -23.36 -29.61 26.02
CA LEU A 18 -24.26 -28.42 26.16
C LEU A 18 -24.71 -28.22 27.62
N ALA A 19 -25.12 -29.33 28.22
CA ALA A 19 -25.70 -29.34 29.55
C ALA A 19 -24.72 -28.79 30.54
N GLU A 20 -23.46 -29.10 30.32
CA GLU A 20 -22.39 -28.64 31.18
C GLU A 20 -22.16 -27.12 31.02
N LYS A 21 -22.29 -26.63 29.80
CA LYS A 21 -22.23 -25.18 29.57
C LYS A 21 -23.40 -24.42 30.19
N VAL A 22 -24.54 -25.10 30.28
CA VAL A 22 -25.76 -24.54 30.85
C VAL A 22 -25.56 -24.41 32.34
N VAL A 23 -25.17 -25.51 32.97
CA VAL A 23 -24.89 -25.45 34.39
C VAL A 23 -23.74 -24.45 34.71
N ARG A 24 -22.76 -24.37 33.82
CA ARG A 24 -21.61 -23.46 34.03
C ARG A 24 -22.03 -22.00 34.02
N LEU A 25 -22.78 -21.62 33.00
CA LEU A 25 -23.35 -20.27 32.91
C LEU A 25 -24.15 -19.92 34.15
N GLN A 26 -24.81 -20.92 34.71
CA GLN A 26 -25.73 -20.71 35.82
C GLN A 26 -24.98 -20.30 37.09
N SER A 27 -23.85 -20.97 37.32
CA SER A 27 -22.95 -20.70 38.46
C SER A 27 -22.33 -19.35 38.32
N MET A 28 -21.83 -19.09 37.13
CA MET A 28 -21.16 -17.81 36.83
C MET A 28 -22.12 -16.66 37.05
N MET A 29 -23.37 -16.86 36.67
CA MET A 29 -24.39 -15.81 36.75
C MET A 29 -25.01 -15.66 38.13
N ALA A 30 -24.84 -16.66 38.97
CA ALA A 30 -25.50 -16.71 40.31
C ALA A 30 -25.43 -15.39 41.11
N PRO A 31 -24.24 -14.78 41.19
CA PRO A 31 -24.06 -13.52 41.91
C PRO A 31 -24.89 -12.36 41.39
N PHE A 32 -25.45 -12.49 40.20
CA PHE A 32 -26.17 -11.39 39.55
C PHE A 32 -27.65 -11.70 39.24
N SER A 33 -27.98 -12.97 39.19
CA SER A 33 -29.35 -13.37 38.79
C SER A 33 -29.67 -14.79 39.20
N ASP A 34 -30.96 -15.06 39.37
CA ASP A 34 -31.45 -16.45 39.63
C ASP A 34 -32.31 -16.99 38.48
N LEU A 35 -32.25 -16.30 37.35
CA LEU A 35 -32.96 -16.70 36.15
C LEU A 35 -32.51 -18.04 35.61
N VAL A 36 -33.49 -18.78 35.10
CA VAL A 36 -33.23 -20.02 34.39
C VAL A 36 -33.01 -19.62 32.96
N PRO A 37 -31.80 -19.82 32.45
CA PRO A 37 -31.55 -19.31 31.11
C PRO A 37 -32.34 -19.99 29.99
N GLU A 38 -32.53 -19.23 28.94
CA GLU A 38 -33.01 -19.74 27.68
C GLU A 38 -31.85 -20.33 26.98
N VAL A 39 -32.04 -21.47 26.33
CA VAL A 39 -30.95 -22.21 25.71
C VAL A 39 -31.18 -22.56 24.26
N PHE A 40 -30.25 -22.14 23.41
CA PHE A 40 -30.37 -22.37 22.00
C PHE A 40 -29.28 -23.30 21.49
N ARG A 41 -29.72 -24.37 20.88
CA ARG A 41 -28.84 -25.45 20.38
C ARG A 41 -28.35 -25.18 19.00
N SER A 42 -27.11 -25.59 18.76
CA SER A 42 -26.54 -25.61 17.40
C SER A 42 -26.91 -26.94 16.74
N PRO A 43 -26.96 -26.95 15.42
CA PRO A 43 -26.95 -28.26 14.76
C PRO A 43 -25.62 -28.96 15.07
N VAL A 44 -25.65 -30.28 15.18
CA VAL A 44 -24.55 -31.05 15.76
C VAL A 44 -23.31 -31.15 14.86
N SER A 45 -23.45 -30.66 13.64
CA SER A 45 -22.36 -30.58 12.68
C SER A 45 -22.64 -29.59 11.58
N HIS A 46 -21.61 -29.32 10.79
CA HIS A 46 -21.68 -28.43 9.62
C HIS A 46 -22.30 -27.09 9.97
N TYR A 47 -21.86 -26.55 11.10
CA TYR A 47 -22.46 -25.35 11.68
C TYR A 47 -21.61 -24.11 11.46
N ARG A 48 -20.32 -24.33 11.26
CA ARG A 48 -19.34 -23.25 11.15
C ARG A 48 -19.15 -22.86 9.68
N MET A 49 -19.36 -21.57 9.42
CA MET A 49 -19.48 -21.05 8.03
C MET A 49 -18.17 -20.48 7.47
N ARG A 50 -17.18 -20.41 8.34
CA ARG A 50 -15.83 -20.07 7.96
C ARG A 50 -14.78 -20.85 8.79
N ALA A 51 -13.75 -21.29 8.09
CA ALA A 51 -12.67 -22.03 8.67
C ALA A 51 -11.33 -21.67 7.97
N GLU A 52 -10.27 -21.60 8.76
CA GLU A 52 -8.94 -21.40 8.24
C GLU A 52 -8.00 -22.58 8.53
N PHE A 53 -7.16 -22.88 7.56
CA PHE A 53 -6.23 -23.99 7.72
C PHE A 53 -4.82 -23.72 7.20
N ARG A 54 -3.83 -23.98 8.04
CA ARG A 54 -2.44 -24.10 7.58
C ARG A 54 -2.38 -25.24 6.58
N ILE A 55 -1.48 -25.11 5.62
CA ILE A 55 -1.24 -26.16 4.62
C ILE A 55 0.17 -26.74 4.83
N TRP A 56 0.23 -28.06 4.73
CA TRP A 56 1.48 -28.79 4.92
C TRP A 56 1.84 -29.57 3.67
N HIS A 57 3.13 -29.43 3.34
CA HIS A 57 3.76 -30.03 2.15
C HIS A 57 4.57 -31.29 2.50
N ASP A 58 4.20 -32.37 1.83
CA ASP A 58 4.76 -33.70 2.10
C ASP A 58 5.38 -34.24 0.80
N GLY A 59 6.44 -33.57 0.38
CA GLY A 59 6.92 -33.72 -0.99
C GLY A 59 5.88 -33.13 -1.94
N ASP A 60 5.28 -33.96 -2.77
CA ASP A 60 4.31 -33.46 -3.77
C ASP A 60 2.87 -33.58 -3.31
N ASP A 61 2.69 -34.33 -2.22
CA ASP A 61 1.41 -34.34 -1.50
C ASP A 61 1.39 -33.16 -0.52
N LEU A 62 0.25 -32.49 -0.52
CA LEU A 62 -0.04 -31.42 0.42
C LEU A 62 -1.46 -31.55 0.95
N TYR A 63 -1.66 -30.95 2.11
CA TYR A 63 -2.94 -31.10 2.81
C TYR A 63 -3.10 -30.10 3.92
N HIS A 64 -4.36 -29.79 4.22
CA HIS A 64 -4.73 -28.90 5.31
C HIS A 64 -4.35 -29.57 6.62
N ILE A 65 -3.94 -28.75 7.58
CA ILE A 65 -3.77 -29.22 8.94
C ILE A 65 -4.41 -28.35 9.98
N ILE A 66 -4.85 -28.98 11.05
CA ILE A 66 -5.05 -28.24 12.32
C ILE A 66 -3.99 -28.65 13.34
N PHE A 67 -4.04 -27.98 14.48
CA PHE A 67 -3.07 -28.17 15.53
C PHE A 67 -3.70 -28.62 16.83
N ASP A 68 -3.14 -29.68 17.40
CA ASP A 68 -3.60 -30.15 18.70
C ASP A 68 -3.36 -29.04 19.73
N GLN A 69 -4.41 -28.72 20.46
CA GLN A 69 -4.35 -27.66 21.48
C GLN A 69 -3.17 -27.87 22.48
N GLN A 70 -3.15 -29.05 23.11
CA GLN A 70 -2.28 -29.29 24.27
C GLN A 70 -0.82 -29.40 23.79
N THR A 71 -0.60 -30.25 22.77
CA THR A 71 0.75 -30.58 22.30
C THR A 71 1.34 -29.75 21.16
N LYS A 72 0.53 -28.96 20.48
CA LYS A 72 0.97 -28.12 19.34
C LYS A 72 1.24 -28.93 18.09
N SER A 73 1.02 -30.23 18.14
CA SER A 73 1.36 -31.05 16.98
C SER A 73 0.33 -31.07 15.85
N ARG A 74 0.83 -31.40 14.67
CA ARG A 74 0.11 -31.20 13.42
C ARG A 74 -0.82 -32.30 13.12
N ILE A 75 -2.07 -31.96 12.90
CA ILE A 75 -3.05 -32.99 12.59
C ILE A 75 -3.54 -32.81 11.16
N ARG A 76 -3.34 -33.83 10.36
CA ARG A 76 -3.83 -33.77 9.00
C ARG A 76 -5.31 -33.97 8.92
N VAL A 77 -5.91 -33.12 8.12
CA VAL A 77 -7.35 -32.99 8.03
C VAL A 77 -7.82 -33.09 6.55
N ASP A 78 -8.52 -34.16 6.22
CA ASP A 78 -9.07 -34.36 4.87
C ASP A 78 -10.50 -33.82 4.74
N SER A 79 -11.21 -33.84 5.85
CA SER A 79 -12.50 -33.20 5.96
C SER A 79 -12.48 -32.32 7.20
N PHE A 80 -13.57 -31.62 7.44
CA PHE A 80 -13.75 -30.83 8.66
C PHE A 80 -15.23 -30.62 8.94
N PRO A 81 -15.89 -31.66 9.50
CA PRO A 81 -17.35 -31.71 9.64
C PRO A 81 -17.96 -30.61 10.47
N ALA A 82 -17.15 -29.88 11.21
CA ALA A 82 -17.66 -28.73 11.95
C ALA A 82 -17.97 -27.62 10.96
N ALA A 83 -17.20 -27.58 9.89
CA ALA A 83 -17.39 -26.60 8.84
C ALA A 83 -18.54 -27.03 7.92
N SER A 84 -19.16 -26.04 7.31
CA SER A 84 -20.26 -26.23 6.38
C SER A 84 -19.87 -27.21 5.29
N GLU A 85 -20.85 -27.98 4.84
CA GLU A 85 -20.70 -28.85 3.64
C GLU A 85 -19.97 -28.16 2.47
N LEU A 86 -20.25 -26.87 2.28
CA LEU A 86 -19.63 -26.15 1.16
C LEU A 86 -18.13 -26.00 1.41
N ILE A 87 -17.74 -25.63 2.62
CA ILE A 87 -16.32 -25.54 2.97
C ILE A 87 -15.66 -26.90 2.79
N ASN A 88 -16.41 -27.96 3.05
CA ASN A 88 -15.90 -29.33 2.87
C ASN A 88 -15.60 -29.67 1.43
N GLN A 89 -16.57 -29.39 0.56
CA GLN A 89 -16.41 -29.60 -0.89
C GLN A 89 -15.25 -28.75 -1.42
N LEU A 90 -15.19 -27.48 -1.01
CA LEU A 90 -14.09 -26.60 -1.43
C LEU A 90 -12.72 -26.99 -0.90
N MET A 91 -12.68 -27.71 0.21
CA MET A 91 -11.40 -28.24 0.71
C MET A 91 -10.78 -29.26 -0.26
N THR A 92 -11.64 -30.13 -0.79
CA THR A 92 -11.22 -31.15 -1.77
C THR A 92 -10.84 -30.48 -3.11
N ALA A 93 -11.69 -29.59 -3.59
CA ALA A 93 -11.42 -28.87 -4.83
C ALA A 93 -10.11 -28.16 -4.77
N MET A 94 -9.85 -27.45 -3.67
CA MET A 94 -8.67 -26.58 -3.61
C MET A 94 -7.37 -27.36 -3.72
N ILE A 95 -7.36 -28.52 -3.08
CA ILE A 95 -6.15 -29.36 -3.07
C ILE A 95 -5.99 -30.00 -4.43
N ALA A 96 -7.13 -30.31 -5.05
CA ALA A 96 -7.18 -30.84 -6.43
C ALA A 96 -6.55 -29.85 -7.40
N GLY A 97 -6.99 -28.61 -7.31
CA GLY A 97 -6.63 -27.60 -8.31
C GLY A 97 -5.24 -27.04 -8.15
N VAL A 98 -4.63 -27.36 -7.01
CA VAL A 98 -3.32 -26.80 -6.65
C VAL A 98 -2.19 -27.84 -6.65
N ARG A 99 -2.59 -29.11 -6.49
CA ARG A 99 -1.69 -30.21 -6.14
C ARG A 99 -0.47 -30.25 -7.04
N ASN A 100 -0.75 -30.07 -8.32
CA ASN A 100 0.25 -30.24 -9.38
C ASN A 100 0.26 -29.07 -10.39
N ASN A 101 -0.10 -27.89 -9.86
CA ASN A 101 0.05 -26.64 -10.57
C ASN A 101 1.02 -25.71 -9.80
N PRO A 102 2.34 -25.92 -9.99
CA PRO A 102 3.41 -25.38 -9.12
C PRO A 102 3.38 -23.92 -8.76
N VAL A 103 2.77 -23.09 -9.60
CA VAL A 103 2.64 -21.65 -9.26
C VAL A 103 1.58 -21.41 -8.15
N LEU A 104 0.51 -22.21 -8.20
CA LEU A 104 -0.57 -22.17 -7.20
C LEU A 104 -0.15 -22.83 -5.87
N ARG A 105 0.71 -23.82 -6.00
CA ARG A 105 1.13 -24.72 -4.92
C ARG A 105 2.28 -24.08 -4.12
N HIS A 106 3.26 -23.52 -4.79
CA HIS A 106 4.54 -23.16 -4.17
C HIS A 106 4.44 -22.02 -3.18
N LYS A 107 4.86 -22.31 -1.96
CA LYS A 107 4.80 -21.38 -0.80
C LYS A 107 3.37 -21.06 -0.33
N LEU A 108 2.44 -21.92 -0.71
CA LEU A 108 1.06 -21.82 -0.28
C LEU A 108 0.92 -22.33 1.14
N PHE A 109 0.88 -21.42 2.11
CA PHE A 109 0.97 -21.84 3.51
C PHE A 109 -0.38 -21.92 4.30
N GLN A 110 -1.37 -21.10 3.93
CA GLN A 110 -2.75 -21.31 4.44
C GLN A 110 -3.84 -20.95 3.46
N ILE A 111 -5.01 -21.53 3.75
CA ILE A 111 -6.24 -21.32 2.99
C ILE A 111 -7.40 -20.95 3.92
N ASP A 112 -8.01 -19.79 3.63
CA ASP A 112 -9.13 -19.28 4.40
C ASP A 112 -10.41 -19.48 3.60
N TYR A 113 -11.40 -20.11 4.24
CA TYR A 113 -12.73 -20.34 3.63
C TYR A 113 -13.85 -19.52 4.32
N LEU A 114 -14.66 -18.89 3.46
CA LEU A 114 -15.82 -18.09 3.87
C LEU A 114 -17.04 -18.47 3.06
N THR A 115 -18.08 -18.87 3.77
CA THR A 115 -19.20 -19.59 3.23
C THR A 115 -20.51 -19.04 3.80
N THR A 116 -21.59 -19.24 3.06
CA THR A 116 -22.93 -18.76 3.43
C THR A 116 -24.02 -19.83 3.26
N LEU A 117 -25.08 -19.61 4.01
CA LEU A 117 -26.32 -20.35 3.86
C LEU A 117 -26.87 -20.19 2.44
N SER A 118 -26.76 -18.96 1.94
CA SER A 118 -27.09 -18.61 0.55
C SER A 118 -26.21 -19.27 -0.48
N ASN A 119 -25.20 -19.99 -0.02
CA ASN A 119 -24.39 -20.85 -0.89
C ASN A 119 -23.26 -20.20 -1.70
N GLN A 120 -22.86 -19.01 -1.29
CA GLN A 120 -21.70 -18.36 -1.90
C GLN A 120 -20.45 -18.63 -1.07
N ALA A 121 -19.30 -18.41 -1.70
CA ALA A 121 -18.03 -18.72 -1.07
C ALA A 121 -16.91 -17.77 -1.42
N VAL A 122 -16.01 -17.52 -0.48
CA VAL A 122 -14.76 -16.77 -0.74
C VAL A 122 -13.53 -17.45 -0.14
N VAL A 123 -12.70 -17.96 -1.04
CA VAL A 123 -11.50 -18.72 -0.71
C VAL A 123 -10.24 -17.88 -0.90
N SER A 124 -9.50 -17.68 0.19
CA SER A 124 -8.25 -16.91 0.14
C SER A 124 -7.06 -17.85 0.24
N LEU A 125 -6.15 -17.75 -0.74
CA LEU A 125 -4.93 -18.54 -0.78
C LEU A 125 -3.77 -17.64 -0.45
N LEU A 126 -3.08 -17.94 0.67
CA LEU A 126 -2.04 -17.07 1.25
C LEU A 126 -0.68 -17.68 0.98
N TYR A 127 0.29 -16.78 0.70
CA TYR A 127 1.65 -17.16 0.25
C TYR A 127 2.83 -16.41 0.90
N HIS A 128 3.89 -17.18 1.02
CA HIS A 128 5.20 -16.64 1.37
C HIS A 128 6.05 -16.44 0.11
N LYS A 129 5.45 -15.72 -0.84
CA LYS A 129 6.09 -15.43 -2.12
C LYS A 129 5.33 -14.32 -2.84
N LYS A 130 6.02 -13.59 -3.72
CA LYS A 130 5.39 -12.57 -4.57
C LYS A 130 4.45 -13.22 -5.62
N LEU A 131 3.35 -12.52 -5.89
CA LEU A 131 2.36 -13.01 -6.83
C LEU A 131 2.41 -12.15 -8.06
N ASP A 132 2.23 -12.80 -9.22
CA ASP A 132 2.39 -12.15 -10.51
C ASP A 132 1.43 -12.69 -11.57
N ASP A 133 1.53 -12.10 -12.75
CA ASP A 133 0.64 -12.40 -13.86
C ASP A 133 0.59 -13.88 -14.18
N GLU A 134 1.68 -14.58 -13.94
CA GLU A 134 1.72 -16.02 -14.17
C GLU A 134 0.78 -16.68 -13.15
N TRP A 135 0.91 -16.24 -11.91
CA TRP A 135 0.03 -16.73 -10.84
C TRP A 135 -1.42 -16.41 -11.16
N ARG A 136 -1.62 -15.16 -11.58
CA ARG A 136 -2.95 -14.62 -11.89
C ARG A 136 -3.62 -15.41 -13.00
N GLN A 137 -2.81 -15.83 -13.98
CA GLN A 137 -3.29 -16.63 -15.12
C GLN A 137 -3.89 -17.93 -14.60
N GLU A 138 -3.06 -18.69 -13.88
CA GLU A 138 -3.46 -20.04 -13.42
C GLU A 138 -4.60 -19.93 -12.42
N ALA A 139 -4.49 -18.94 -11.53
CA ALA A 139 -5.53 -18.65 -10.54
C ALA A 139 -6.89 -18.38 -11.22
N GLU A 140 -6.85 -17.77 -12.40
CA GLU A 140 -8.08 -17.48 -13.17
C GLU A 140 -8.71 -18.74 -13.74
N ALA A 141 -7.87 -19.70 -14.09
CA ALA A 141 -8.36 -20.98 -14.63
C ALA A 141 -8.99 -21.82 -13.52
N LEU A 142 -8.48 -21.63 -12.31
CA LEU A 142 -8.94 -22.40 -11.15
C LEU A 142 -10.34 -21.98 -10.76
N ARG A 143 -10.60 -20.68 -10.80
CA ARG A 143 -11.94 -20.17 -10.47
C ARG A 143 -13.03 -20.63 -11.44
N ASP A 144 -12.66 -20.69 -12.72
CA ASP A 144 -13.60 -21.08 -13.79
C ASP A 144 -13.81 -22.57 -13.77
N ALA A 145 -12.77 -23.25 -13.31
CA ALA A 145 -12.84 -24.69 -13.10
C ALA A 145 -13.88 -24.89 -12.00
N LEU A 146 -13.71 -24.13 -10.91
CA LEU A 146 -14.64 -24.21 -9.77
C LEU A 146 -16.06 -23.78 -10.17
N ARG A 147 -16.17 -22.63 -10.77
CA ARG A 147 -17.48 -22.14 -11.18
C ARG A 147 -18.07 -23.23 -12.07
N ALA A 148 -17.18 -23.75 -12.88
CA ALA A 148 -17.52 -24.74 -13.89
C ALA A 148 -18.40 -25.77 -13.23
N GLN A 149 -18.31 -25.81 -11.91
CA GLN A 149 -18.87 -26.94 -11.16
C GLN A 149 -20.11 -26.48 -10.41
N ASN A 150 -20.50 -25.24 -10.69
CA ASN A 150 -21.70 -24.66 -10.05
C ASN A 150 -21.46 -24.11 -8.65
N LEU A 151 -20.19 -23.99 -8.27
CA LEU A 151 -19.82 -23.33 -7.02
C LEU A 151 -19.74 -21.82 -7.19
N ASN A 152 -20.63 -21.11 -6.52
CA ASN A 152 -20.58 -19.66 -6.54
C ASN A 152 -19.40 -19.18 -5.72
N VAL A 153 -18.24 -19.08 -6.34
CA VAL A 153 -17.01 -18.89 -5.59
C VAL A 153 -16.06 -17.84 -6.14
N HIS A 154 -15.62 -16.93 -5.28
CA HIS A 154 -14.48 -16.04 -5.58
C HIS A 154 -13.18 -16.51 -4.88
N LEU A 155 -12.08 -15.89 -5.28
CA LEU A 155 -10.72 -16.27 -4.84
C LEU A 155 -9.90 -15.05 -4.55
N ILE A 156 -9.21 -15.05 -3.43
CA ILE A 156 -8.32 -13.93 -3.11
C ILE A 156 -6.92 -14.48 -2.99
N GLY A 157 -6.00 -13.80 -3.66
CA GLY A 157 -4.61 -14.16 -3.63
C GLY A 157 -3.95 -13.19 -2.69
N ARG A 158 -3.29 -13.71 -1.68
CA ARG A 158 -2.62 -12.83 -0.77
C ARG A 158 -1.16 -13.18 -0.57
N ALA A 159 -0.34 -12.14 -0.52
CA ALA A 159 1.02 -12.18 0.03
C ALA A 159 1.28 -10.81 0.64
N THR A 160 2.48 -10.53 1.14
CA THR A 160 2.73 -9.24 1.81
C THR A 160 2.42 -8.07 0.89
N LYS A 161 1.65 -7.11 1.42
CA LYS A 161 1.18 -5.95 0.66
C LYS A 161 0.54 -6.33 -0.69
N THR A 162 -0.06 -7.51 -0.74
CA THR A 162 -0.67 -8.00 -1.97
C THR A 162 -2.06 -8.58 -1.78
N LYS A 163 -3.00 -8.10 -2.58
CA LYS A 163 -4.37 -8.59 -2.52
C LYS A 163 -5.05 -8.62 -3.92
N ILE A 164 -4.92 -9.74 -4.60
CA ILE A 164 -5.56 -9.92 -5.92
C ILE A 164 -6.97 -10.48 -5.86
N GLU A 165 -7.96 -9.62 -6.01
CA GLU A 165 -9.37 -10.07 -5.96
C GLU A 165 -9.72 -10.59 -7.31
N LEU A 166 -10.04 -11.86 -7.43
CA LEU A 166 -10.28 -12.40 -8.75
C LEU A 166 -11.33 -11.48 -9.38
N ASP A 167 -12.39 -11.26 -8.60
CA ASP A 167 -13.45 -10.33 -9.00
C ASP A 167 -13.76 -9.45 -7.77
N GLN A 168 -13.95 -10.07 -6.61
CA GLN A 168 -14.37 -9.35 -5.39
C GLN A 168 -14.00 -10.10 -4.07
N ASP A 169 -14.25 -9.41 -2.96
CA ASP A 169 -13.86 -9.88 -1.63
C ASP A 169 -15.01 -9.98 -0.63
N TYR A 170 -16.25 -9.97 -1.15
CA TYR A 170 -17.46 -10.14 -0.34
C TYR A 170 -18.42 -11.13 -0.97
N ILE A 171 -19.33 -11.65 -0.15
CA ILE A 171 -20.49 -12.42 -0.60
C ILE A 171 -21.68 -11.97 0.23
N ASP A 172 -22.86 -12.41 -0.20
CA ASP A 172 -24.14 -11.98 0.40
C ASP A 172 -24.91 -13.11 1.07
N GLU A 173 -25.14 -12.92 2.35
CA GLU A 173 -25.93 -13.88 3.10
C GLU A 173 -27.39 -13.55 2.98
N ARG A 174 -28.16 -14.61 3.14
CA ARG A 174 -29.57 -14.56 3.18
C ARG A 174 -29.97 -15.35 4.42
N LEU A 175 -30.44 -14.63 5.43
CA LEU A 175 -30.88 -15.26 6.67
C LEU A 175 -32.36 -15.07 6.91
N PRO A 176 -33.07 -16.16 7.18
CA PRO A 176 -34.45 -15.99 7.57
C PRO A 176 -34.53 -15.57 9.01
N VAL A 177 -35.06 -14.40 9.23
CA VAL A 177 -35.23 -13.88 10.58
C VAL A 177 -36.71 -13.53 10.84
N ALA A 178 -37.26 -14.11 11.89
CA ALA A 178 -38.65 -13.90 12.31
C ALA A 178 -39.62 -13.57 11.17
N GLY A 179 -39.77 -14.50 10.23
CA GLY A 179 -40.62 -14.28 9.09
C GLY A 179 -39.87 -13.70 7.91
N LYS A 180 -39.31 -12.50 8.06
CA LYS A 180 -38.66 -11.81 6.92
C LYS A 180 -37.22 -12.24 6.63
N GLU A 181 -36.93 -12.48 5.36
CA GLU A 181 -35.57 -12.63 4.84
C GLU A 181 -34.79 -11.39 5.08
N MET A 182 -33.50 -11.52 4.88
CA MET A 182 -32.56 -10.50 5.35
C MET A 182 -31.23 -10.67 4.62
N ILE A 183 -30.81 -9.65 3.90
CA ILE A 183 -29.56 -9.71 3.17
C ILE A 183 -28.46 -9.12 4.04
N TYR A 184 -27.33 -9.82 4.04
CA TYR A 184 -26.12 -9.33 4.77
C TYR A 184 -24.87 -9.56 3.99
N ARG A 185 -24.38 -8.48 3.42
CA ARG A 185 -23.05 -8.51 2.84
C ARG A 185 -21.96 -8.75 3.92
N GLN A 186 -21.06 -9.67 3.57
CA GLN A 186 -19.96 -10.12 4.43
C GLN A 186 -18.64 -10.04 3.68
N VAL A 187 -17.74 -9.22 4.21
CA VAL A 187 -16.40 -8.97 3.64
C VAL A 187 -15.28 -9.82 4.28
N GLU A 188 -14.52 -10.49 3.41
CA GLU A 188 -13.34 -11.28 3.80
C GLU A 188 -12.49 -10.48 4.78
N ASN A 189 -12.06 -11.12 5.86
CA ASN A 189 -11.19 -10.50 6.87
C ASN A 189 -11.90 -9.49 7.75
N SER A 190 -13.19 -9.32 7.51
CA SER A 190 -14.00 -8.54 8.43
C SER A 190 -14.84 -9.49 9.25
N PHE A 191 -15.04 -9.15 10.52
CA PHE A 191 -15.73 -10.11 11.42
C PHE A 191 -17.15 -10.44 10.99
N THR A 192 -17.46 -11.71 11.01
CA THR A 192 -18.83 -12.22 10.99
C THR A 192 -19.01 -13.33 12.02
N GLN A 193 -20.22 -13.48 12.52
CA GLN A 193 -20.56 -14.63 13.41
C GLN A 193 -20.36 -15.92 12.63
N PRO A 194 -19.64 -16.88 13.19
CA PRO A 194 -19.21 -18.07 12.47
C PRO A 194 -20.28 -19.12 12.41
N ASN A 195 -21.22 -19.04 13.33
CA ASN A 195 -22.29 -20.00 13.37
C ASN A 195 -23.63 -19.32 12.90
N ALA A 196 -24.03 -19.59 11.66
CA ALA A 196 -25.13 -18.85 11.01
C ALA A 196 -26.44 -19.29 11.64
N ALA A 197 -26.57 -20.60 11.88
CA ALA A 197 -27.74 -21.14 12.58
C ALA A 197 -27.88 -20.43 13.90
N MET A 198 -26.78 -20.22 14.62
CA MET A 198 -26.89 -19.61 15.98
C MET A 198 -27.17 -18.15 15.82
N ASN A 199 -26.56 -17.56 14.81
CA ASN A 199 -26.82 -16.17 14.51
C ASN A 199 -28.30 -15.86 14.31
N ILE A 200 -28.98 -16.69 13.52
CA ILE A 200 -30.40 -16.51 13.27
C ILE A 200 -31.08 -16.44 14.62
N GLN A 201 -30.68 -17.31 15.53
CA GLN A 201 -31.34 -17.39 16.83
C GLN A 201 -31.03 -16.22 17.81
N MET A 202 -29.85 -15.63 17.66
CA MET A 202 -29.45 -14.48 18.49
C MET A 202 -30.23 -13.29 18.01
N LEU A 203 -30.40 -13.22 16.71
CA LEU A 203 -31.16 -12.13 16.06
C LEU A 203 -32.59 -12.18 16.53
N GLU A 204 -33.13 -13.38 16.44
CA GLU A 204 -34.49 -13.64 16.89
C GLU A 204 -34.67 -13.40 18.41
N TRP A 205 -33.68 -13.79 19.20
CA TRP A 205 -33.83 -13.59 20.64
C TRP A 205 -33.80 -12.11 20.98
N ALA A 206 -32.86 -11.39 20.36
CA ALA A 206 -32.77 -9.91 20.48
C ALA A 206 -34.06 -9.21 20.04
N LEU A 207 -34.68 -9.78 19.02
CA LEU A 207 -35.93 -9.20 18.44
C LEU A 207 -37.07 -9.35 19.42
N ASP A 208 -37.08 -10.45 20.15
CA ASP A 208 -38.10 -10.72 21.17
C ASP A 208 -37.87 -9.95 22.46
N VAL A 209 -36.62 -9.64 22.74
CA VAL A 209 -36.27 -9.03 24.03
C VAL A 209 -36.50 -7.52 23.93
N THR A 210 -36.57 -7.03 22.72
CA THR A 210 -36.73 -5.59 22.52
C THR A 210 -38.09 -5.28 21.91
N LYS A 211 -39.04 -6.14 22.20
CA LYS A 211 -40.41 -5.95 21.68
C LYS A 211 -41.13 -4.94 22.54
N GLY A 212 -41.86 -4.07 21.85
CA GLY A 212 -42.66 -3.03 22.50
C GLY A 212 -41.78 -2.10 23.31
N SER A 213 -40.65 -1.74 22.71
CA SER A 213 -39.75 -0.80 23.33
C SER A 213 -40.08 0.56 22.75
N LYS A 214 -39.99 1.56 23.60
CA LYS A 214 -40.31 2.95 23.25
C LYS A 214 -39.05 3.66 22.83
N GLY A 215 -39.10 4.22 21.63
CA GLY A 215 -38.07 5.12 21.14
C GLY A 215 -37.04 4.53 20.21
N ASP A 216 -35.79 4.82 20.53
CA ASP A 216 -34.66 4.56 19.65
C ASP A 216 -33.58 3.70 20.27
N LEU A 217 -32.76 3.16 19.37
CA LEU A 217 -31.65 2.24 19.72
C LEU A 217 -30.28 2.78 19.32
N LEU A 218 -29.32 2.54 20.20
CA LEU A 218 -27.92 2.83 19.92
C LEU A 218 -27.11 1.53 19.95
N GLU A 219 -26.45 1.25 18.83
CA GLU A 219 -25.54 0.10 18.74
C GLU A 219 -24.13 0.58 18.58
N LEU A 220 -23.25 0.03 19.40
CA LEU A 220 -21.83 0.28 19.27
C LEU A 220 -21.14 -0.87 18.57
N TYR A 221 -20.28 -0.50 17.62
CA TYR A 221 -19.46 -1.44 16.85
C TYR A 221 -20.32 -2.61 16.33
N CYS A 222 -21.00 -2.29 15.24
CA CYS A 222 -22.10 -3.07 14.72
C CYS A 222 -21.69 -3.87 13.54
N GLY A 223 -20.41 -3.83 13.20
CA GLY A 223 -19.90 -4.56 12.02
C GLY A 223 -20.62 -4.18 10.75
N ASN A 224 -21.07 -5.20 10.02
CA ASN A 224 -21.81 -5.11 8.77
C ASN A 224 -23.30 -4.80 8.97
N GLY A 225 -23.65 -4.51 10.23
CA GLY A 225 -25.01 -4.12 10.64
C GLY A 225 -25.84 -5.25 11.22
N ASN A 226 -25.26 -6.44 11.27
CA ASN A 226 -25.98 -7.63 11.79
C ASN A 226 -27.21 -7.33 12.67
N PHE A 227 -26.98 -6.92 13.91
CA PHE A 227 -28.07 -6.77 14.86
C PHE A 227 -28.97 -5.55 14.59
N SER A 228 -28.35 -4.42 14.27
CA SER A 228 -29.03 -3.18 14.02
C SER A 228 -30.10 -3.31 12.96
N LEU A 229 -29.72 -3.89 11.83
CA LEU A 229 -30.68 -4.01 10.72
C LEU A 229 -31.89 -4.87 11.12
N ALA A 230 -31.68 -5.91 11.91
CA ALA A 230 -32.77 -6.74 12.38
C ALA A 230 -33.64 -5.98 13.37
N LEU A 231 -32.99 -5.35 14.33
CA LEU A 231 -33.69 -4.73 15.44
C LEU A 231 -34.47 -3.48 15.02
N ALA A 232 -34.16 -2.98 13.83
CA ALA A 232 -34.77 -1.75 13.30
C ALA A 232 -36.31 -1.80 13.32
N ARG A 233 -36.85 -3.03 13.34
CA ARG A 233 -38.30 -3.34 13.38
C ARG A 233 -38.95 -2.88 14.66
N ASN A 234 -38.16 -2.81 15.74
CA ASN A 234 -38.69 -2.63 17.08
C ASN A 234 -38.45 -1.23 17.59
N PHE A 235 -37.80 -0.43 16.78
CA PHE A 235 -37.38 0.91 17.18
C PHE A 235 -37.70 1.92 16.12
N ASP A 236 -38.04 3.10 16.62
CA ASP A 236 -38.55 4.21 15.81
C ASP A 236 -37.39 4.67 14.95
N ARG A 237 -36.22 4.76 15.54
CA ARG A 237 -35.00 4.93 14.77
C ARG A 237 -33.79 4.24 15.43
N VAL A 238 -32.82 3.95 14.58
CA VAL A 238 -31.57 3.31 15.02
C VAL A 238 -30.32 4.11 14.63
N LEU A 239 -29.44 4.26 15.60
CA LEU A 239 -28.13 4.89 15.39
C LEU A 239 -26.98 3.90 15.72
N ALA A 240 -26.22 3.53 14.69
CA ALA A 240 -25.21 2.46 14.78
C ALA A 240 -23.80 2.92 14.45
N THR A 241 -22.88 2.78 15.41
CA THR A 241 -21.48 3.18 15.19
C THR A 241 -20.55 2.07 14.71
N GLU A 242 -19.70 2.46 13.78
CA GLU A 242 -18.58 1.61 13.29
C GLU A 242 -17.39 2.43 12.66
N ILE A 243 -16.18 2.05 13.07
CA ILE A 243 -14.91 2.64 12.56
C ILE A 243 -14.30 1.89 11.34
N ALA A 244 -14.23 0.56 11.41
CA ALA A 244 -13.67 -0.27 10.31
C ALA A 244 -14.36 0.04 8.98
N LYS A 245 -13.56 0.52 8.02
CA LYS A 245 -14.10 1.13 6.79
C LYS A 245 -14.80 0.18 5.81
N PRO A 246 -14.39 -1.10 5.77
CA PRO A 246 -15.09 -2.08 4.91
C PRO A 246 -16.35 -2.62 5.57
N SER A 247 -16.38 -2.57 6.90
CA SER A 247 -17.59 -2.91 7.67
C SER A 247 -18.66 -1.85 7.52
N VAL A 248 -18.17 -0.61 7.48
CA VAL A 248 -19.04 0.54 7.33
C VAL A 248 -19.64 0.47 5.91
N ALA A 249 -18.80 0.15 4.94
CA ALA A 249 -19.27 0.05 3.56
C ALA A 249 -20.34 -1.02 3.49
N ALA A 250 -20.00 -2.20 4.01
CA ALA A 250 -20.91 -3.36 4.00
C ALA A 250 -22.23 -3.04 4.68
N ALA A 251 -22.14 -2.37 5.81
CA ALA A 251 -23.31 -1.98 6.58
C ALA A 251 -24.20 -1.00 5.77
N GLN A 252 -23.55 -0.12 5.02
CA GLN A 252 -24.25 0.87 4.19
C GLN A 252 -25.00 0.19 3.08
N TYR A 253 -24.31 -0.71 2.42
CA TYR A 253 -24.92 -1.52 1.38
C TYR A 253 -26.09 -2.32 1.92
N ASN A 254 -25.94 -2.80 3.15
CA ASN A 254 -26.93 -3.68 3.76
C ASN A 254 -28.29 -2.99 4.10
N ILE A 255 -28.20 -1.67 4.31
CA ILE A 255 -29.40 -0.84 4.55
C ILE A 255 -30.19 -0.69 3.25
N ALA A 256 -29.50 -0.17 2.24
CA ALA A 256 -30.01 -0.15 0.88
C ALA A 256 -30.70 -1.46 0.46
N ALA A 257 -29.92 -2.54 0.47
CA ALA A 257 -30.37 -3.89 0.03
C ALA A 257 -31.56 -4.50 0.79
N ASN A 258 -31.85 -4.00 1.99
CA ASN A 258 -32.98 -4.47 2.80
C ASN A 258 -34.14 -3.46 2.83
N HIS A 259 -33.95 -2.38 2.08
CA HIS A 259 -34.93 -1.29 1.98
C HIS A 259 -35.32 -0.74 3.35
N ILE A 260 -34.29 -0.51 4.17
CA ILE A 260 -34.47 0.04 5.54
C ILE A 260 -34.27 1.52 5.55
N ASP A 261 -35.16 2.19 6.27
CA ASP A 261 -35.23 3.65 6.27
C ASP A 261 -34.82 4.28 7.58
N ASN A 262 -34.91 3.50 8.66
CA ASN A 262 -34.86 4.07 10.02
C ASN A 262 -33.53 3.88 10.74
N VAL A 263 -32.50 3.60 9.97
CA VAL A 263 -31.17 3.35 10.53
C VAL A 263 -30.11 4.20 9.85
N GLN A 264 -29.36 4.89 10.69
CA GLN A 264 -28.28 5.71 10.26
C GLN A 264 -26.99 5.09 10.76
N ILE A 265 -26.05 4.87 9.84
CA ILE A 265 -24.67 4.44 10.19
C ILE A 265 -23.73 5.64 10.31
N ILE A 266 -23.03 5.66 11.45
CA ILE A 266 -22.13 6.74 11.82
C ILE A 266 -20.73 6.19 11.97
N ARG A 267 -19.80 6.82 11.26
CA ARG A 267 -18.40 6.40 11.25
C ARG A 267 -17.66 6.98 12.44
N MET A 268 -17.83 6.38 13.61
CA MET A 268 -17.31 6.96 14.85
C MET A 268 -16.96 5.92 15.88
N ALA A 269 -15.88 6.19 16.60
CA ALA A 269 -15.47 5.37 17.73
C ALA A 269 -16.30 5.73 18.93
N ALA A 270 -16.32 4.84 19.92
CA ALA A 270 -17.16 4.97 21.13
C ALA A 270 -16.91 6.27 21.91
N GLU A 271 -15.62 6.60 22.01
CA GLU A 271 -15.12 7.69 22.83
C GLU A 271 -15.54 9.06 22.27
N GLU A 272 -15.37 9.21 20.95
CA GLU A 272 -15.67 10.48 20.27
C GLU A 272 -17.12 10.54 19.80
N PHE A 273 -17.92 9.56 20.25
CA PHE A 273 -19.38 9.61 20.12
C PHE A 273 -19.98 10.10 21.42
N THR A 274 -19.55 9.47 22.50
CA THR A 274 -19.93 9.94 23.82
C THR A 274 -19.60 11.43 24.03
N GLN A 275 -18.57 11.91 23.34
CA GLN A 275 -18.24 13.35 23.36
C GLN A 275 -19.38 14.14 22.75
N ALA A 276 -19.87 13.64 21.61
CA ALA A 276 -21.02 14.24 20.93
C ALA A 276 -22.27 14.26 21.83
N MET A 277 -22.45 13.18 22.60
CA MET A 277 -23.55 13.10 23.60
C MET A 277 -23.34 14.15 24.69
N ASN A 278 -22.75 13.70 25.80
CA ASN A 278 -22.47 14.55 26.98
C ASN A 278 -21.16 15.33 26.79
N GLY A 279 -21.27 16.65 26.98
CA GLY A 279 -20.33 17.63 26.45
C GLY A 279 -20.70 17.85 24.99
N VAL A 280 -19.95 18.70 24.31
CA VAL A 280 -20.12 18.78 22.85
C VAL A 280 -18.76 18.75 22.17
N ARG A 281 -18.86 18.72 20.87
CA ARG A 281 -17.75 18.83 19.95
C ARG A 281 -18.48 18.83 18.62
N GLU A 282 -18.42 19.96 17.92
CA GLU A 282 -19.15 20.07 16.64
C GLU A 282 -18.44 19.25 15.56
N PHE A 283 -18.98 18.04 15.36
CA PHE A 283 -18.38 17.04 14.47
C PHE A 283 -18.63 17.28 12.99
N ASN A 284 -17.50 17.40 12.32
CA ASN A 284 -17.39 17.36 10.88
C ASN A 284 -18.37 16.37 10.23
N ARG A 285 -18.39 15.15 10.74
CA ARG A 285 -19.10 14.02 10.08
C ARG A 285 -20.53 13.82 10.54
N LEU A 286 -20.78 14.12 11.80
CA LEU A 286 -22.15 14.08 12.37
C LEU A 286 -23.03 15.17 11.81
N GLN A 287 -22.40 16.20 11.26
CA GLN A 287 -23.10 17.43 10.84
C GLN A 287 -24.48 17.15 10.23
N GLY A 288 -24.57 16.07 9.45
CA GLY A 288 -25.81 15.73 8.74
C GLY A 288 -27.02 15.47 9.64
N ILE A 289 -26.76 15.07 10.88
CA ILE A 289 -27.81 14.63 11.83
C ILE A 289 -27.68 15.27 13.24
N ASP A 290 -28.82 15.39 13.92
CA ASP A 290 -28.93 16.00 15.28
C ASP A 290 -29.18 14.97 16.42
N LEU A 291 -28.19 14.82 17.30
CA LEU A 291 -28.23 13.82 18.39
C LEU A 291 -29.30 14.07 19.44
N LYS A 292 -29.55 15.34 19.71
CA LYS A 292 -30.53 15.74 20.73
C LYS A 292 -31.92 15.36 20.23
N SER A 293 -32.04 15.32 18.90
CA SER A 293 -33.28 14.96 18.20
C SER A 293 -33.63 13.48 18.35
N TYR A 294 -32.61 12.67 18.63
CA TYR A 294 -32.74 11.21 18.86
C TYR A 294 -33.00 10.91 20.35
N GLN A 295 -33.68 9.79 20.60
CA GLN A 295 -34.02 9.37 21.96
C GLN A 295 -33.78 7.90 22.27
N CYS A 296 -32.56 7.62 22.71
CA CYS A 296 -32.07 6.26 22.91
C CYS A 296 -32.08 5.83 24.36
N GLU A 297 -33.06 5.00 24.68
CA GLU A 297 -33.22 4.39 26.01
C GLU A 297 -32.62 2.98 26.07
N THR A 298 -32.29 2.45 24.91
CA THR A 298 -31.68 1.12 24.79
C THR A 298 -30.36 1.24 24.10
N ILE A 299 -29.32 0.72 24.74
CA ILE A 299 -28.03 0.58 24.05
C ILE A 299 -27.67 -0.90 23.82
N PHE A 300 -27.16 -1.18 22.62
CA PHE A 300 -26.68 -2.53 22.26
C PHE A 300 -25.16 -2.66 22.15
N VAL A 301 -24.65 -3.75 22.69
CA VAL A 301 -23.21 -3.99 22.74
C VAL A 301 -22.81 -5.46 22.51
N ASP A 302 -21.87 -5.70 21.62
CA ASP A 302 -21.39 -7.07 21.33
C ASP A 302 -19.88 -7.09 21.09
N PRO A 303 -19.11 -6.95 22.19
CA PRO A 303 -17.66 -6.82 22.10
C PRO A 303 -16.92 -8.12 21.81
N PRO A 304 -15.61 -8.01 21.54
CA PRO A 304 -14.74 -9.19 21.45
C PRO A 304 -14.50 -9.82 22.81
N ARG A 305 -13.75 -10.92 22.80
CA ARG A 305 -13.58 -11.79 23.95
C ARG A 305 -13.34 -10.98 25.20
N SER A 306 -12.60 -9.89 25.03
CA SER A 306 -12.11 -9.08 26.15
C SER A 306 -13.21 -8.38 26.89
N GLY A 307 -14.25 -8.04 26.16
CA GLY A 307 -15.44 -7.41 26.72
C GLY A 307 -15.41 -5.91 26.66
N LEU A 308 -16.22 -5.29 27.52
CA LEU A 308 -16.27 -3.83 27.63
C LEU A 308 -15.11 -3.32 28.50
N ASP A 309 -14.39 -2.32 27.99
CA ASP A 309 -13.41 -1.57 28.82
C ASP A 309 -14.15 -0.67 29.81
N SER A 310 -13.39 -0.12 30.74
CA SER A 310 -14.00 0.58 31.90
C SER A 310 -14.75 1.85 31.47
N GLU A 311 -14.26 2.46 30.40
CA GLU A 311 -14.90 3.67 29.86
C GLU A 311 -16.27 3.37 29.28
N THR A 312 -16.29 2.34 28.43
CA THR A 312 -17.55 1.86 27.81
C THR A 312 -18.50 1.36 28.90
N GLU A 313 -17.91 0.80 29.95
CA GLU A 313 -18.71 0.23 31.03
C GLU A 313 -19.62 1.33 31.56
N LYS A 314 -18.97 2.43 31.93
CA LYS A 314 -19.61 3.65 32.47
C LYS A 314 -20.61 4.24 31.52
N MET A 315 -20.26 4.23 30.24
CA MET A 315 -21.05 4.84 29.17
C MET A 315 -22.43 4.20 28.99
N VAL A 316 -22.46 2.86 29.02
CA VAL A 316 -23.73 2.12 28.80
C VAL A 316 -24.58 2.18 30.05
N GLN A 317 -23.95 2.33 31.20
CA GLN A 317 -24.68 2.56 32.48
C GLN A 317 -25.58 3.79 32.45
N ALA A 318 -25.27 4.70 31.54
CA ALA A 318 -26.13 5.87 31.29
C ALA A 318 -27.56 5.46 30.94
N TYR A 319 -27.69 4.30 30.29
CA TYR A 319 -28.93 3.93 29.61
C TYR A 319 -29.87 3.09 30.47
N PRO A 320 -31.17 3.27 30.28
CA PRO A 320 -32.19 2.49 30.97
C PRO A 320 -32.15 0.99 30.61
N ARG A 321 -31.82 0.71 29.35
CA ARG A 321 -31.72 -0.67 28.86
C ARG A 321 -30.40 -0.96 28.15
N ILE A 322 -29.71 -1.98 28.65
CA ILE A 322 -28.50 -2.49 28.02
C ILE A 322 -28.78 -3.87 27.42
N LEU A 323 -28.53 -4.02 26.13
CA LEU A 323 -28.52 -5.35 25.50
C LEU A 323 -27.08 -5.73 25.13
N TYR A 324 -26.59 -6.76 25.84
CA TYR A 324 -25.19 -7.21 25.81
C TYR A 324 -25.12 -8.67 25.36
N ILE A 325 -24.51 -8.86 24.20
CA ILE A 325 -24.24 -10.22 23.74
C ILE A 325 -22.75 -10.46 23.87
N SER A 326 -22.40 -11.62 24.44
CA SER A 326 -21.03 -11.97 24.70
C SER A 326 -20.57 -13.26 24.03
N CYS A 327 -19.30 -13.30 23.70
CA CYS A 327 -18.63 -14.52 23.29
C CYS A 327 -17.59 -14.97 24.34
N ASN A 328 -17.80 -14.50 25.55
CA ASN A 328 -16.96 -14.83 26.67
C ASN A 328 -17.63 -14.48 27.97
N PRO A 329 -18.29 -15.44 28.60
CA PRO A 329 -19.05 -15.09 29.78
C PRO A 329 -18.18 -14.63 30.96
N GLU A 330 -16.92 -14.99 30.92
CA GLU A 330 -15.96 -14.58 31.95
C GLU A 330 -15.86 -13.09 32.11
N THR A 331 -15.67 -12.42 30.97
CA THR A 331 -15.59 -10.95 30.89
C THR A 331 -16.94 -10.24 31.00
N LEU A 332 -17.99 -10.97 30.67
CA LEU A 332 -19.33 -10.41 30.80
C LEU A 332 -19.57 -10.24 32.27
N CYS A 333 -19.11 -11.24 33.02
CA CYS A 333 -19.30 -11.29 34.48
C CYS A 333 -18.46 -10.24 35.19
N LYS A 334 -17.23 -10.02 34.70
CA LYS A 334 -16.41 -8.94 35.24
C LYS A 334 -17.19 -7.66 35.08
N ASN A 335 -17.54 -7.35 33.83
CA ASN A 335 -18.37 -6.19 33.51
C ASN A 335 -19.54 -6.06 34.45
N LEU A 336 -20.16 -7.20 34.72
CA LEU A 336 -21.42 -7.27 35.47
C LEU A 336 -21.27 -6.97 36.95
N GLU A 337 -20.04 -7.07 37.46
CA GLU A 337 -19.74 -6.70 38.88
C GLU A 337 -20.08 -5.23 39.07
N THR A 338 -19.77 -4.45 38.05
CA THR A 338 -20.12 -3.02 37.97
C THR A 338 -21.57 -2.80 37.54
N LEU A 339 -21.92 -3.39 36.41
CA LEU A 339 -23.24 -3.11 35.78
C LEU A 339 -24.40 -3.51 36.68
N SER A 340 -24.16 -4.48 37.57
CA SER A 340 -25.23 -5.02 38.41
C SER A 340 -25.61 -4.03 39.49
N GLN A 341 -24.64 -3.21 39.88
CA GLN A 341 -24.85 -2.15 40.88
C GLN A 341 -25.99 -1.21 40.46
N THR A 342 -26.00 -0.84 39.18
CA THR A 342 -27.03 0.07 38.64
C THR A 342 -28.23 -0.66 37.95
N HIS A 343 -27.99 -1.86 37.42
CA HIS A 343 -29.01 -2.61 36.64
C HIS A 343 -29.33 -4.00 37.16
N LYS A 344 -30.56 -4.43 36.91
CA LYS A 344 -31.01 -5.82 37.15
C LYS A 344 -31.05 -6.62 35.84
N VAL A 345 -30.73 -7.93 35.94
CA VAL A 345 -30.84 -8.86 34.79
C VAL A 345 -32.29 -9.24 34.47
N GLU A 346 -32.74 -8.82 33.31
CA GLU A 346 -34.14 -9.04 32.92
C GLU A 346 -34.25 -10.37 32.17
N ARG A 347 -33.33 -10.58 31.23
CA ARG A 347 -33.33 -11.81 30.44
C ARG A 347 -31.92 -12.38 30.22
N LEU A 348 -31.89 -13.70 30.03
CA LEU A 348 -30.68 -14.49 29.97
C LEU A 348 -30.76 -15.69 28.99
N ALA A 349 -29.76 -15.74 28.10
CA ALA A 349 -29.68 -16.76 27.06
C ALA A 349 -28.28 -17.35 26.91
N LEU A 350 -28.22 -18.65 26.66
CA LEU A 350 -27.03 -19.33 26.13
C LEU A 350 -27.22 -19.62 24.63
N PHE A 351 -26.17 -19.40 23.88
CA PHE A 351 -26.15 -19.74 22.49
C PHE A 351 -24.93 -20.62 22.29
N ASP A 352 -25.15 -21.81 21.77
CA ASP A 352 -24.08 -22.76 21.59
C ASP A 352 -23.46 -22.57 20.24
N GLN A 353 -22.74 -21.47 20.13
CA GLN A 353 -22.08 -21.11 18.87
C GLN A 353 -20.85 -21.95 18.61
N PHE A 354 -20.22 -22.45 19.67
CA PHE A 354 -18.94 -23.15 19.54
C PHE A 354 -18.99 -24.61 20.07
N PRO A 355 -19.84 -25.44 19.48
CA PRO A 355 -19.94 -26.77 19.99
C PRO A 355 -18.62 -27.53 19.96
N TYR A 356 -18.55 -28.45 20.92
CA TYR A 356 -17.43 -29.32 21.19
C TYR A 356 -16.16 -28.60 21.70
N THR A 357 -16.32 -27.35 22.14
CA THR A 357 -15.26 -26.57 22.73
C THR A 357 -15.78 -25.97 24.00
N HIS A 358 -14.89 -25.32 24.72
CA HIS A 358 -15.17 -24.77 26.04
C HIS A 358 -15.82 -23.42 25.89
N HIS A 359 -15.82 -22.87 24.70
CA HIS A 359 -16.39 -21.54 24.48
C HIS A 359 -17.91 -21.51 24.52
N MET A 360 -18.44 -20.37 24.98
CA MET A 360 -19.89 -20.12 25.15
C MET A 360 -20.23 -18.72 24.71
N GLN A 361 -21.31 -18.64 23.97
CA GLN A 361 -21.89 -17.39 23.56
C GLN A 361 -23.08 -17.22 24.43
N CYS A 362 -23.44 -16.00 24.74
CA CYS A 362 -24.58 -15.81 25.58
C CYS A 362 -25.06 -14.39 25.45
N GLY A 363 -26.07 -14.06 26.21
CA GLY A 363 -26.76 -12.79 26.09
C GLY A 363 -27.57 -12.43 27.31
N VAL A 364 -27.69 -11.13 27.51
CA VAL A 364 -28.27 -10.58 28.74
C VAL A 364 -29.00 -9.30 28.37
N LEU A 365 -30.17 -9.11 28.98
CA LEU A 365 -30.89 -7.83 28.89
C LEU A 365 -31.00 -7.24 30.25
N LEU A 366 -30.33 -6.12 30.43
CA LEU A 366 -30.26 -5.41 31.73
C LEU A 366 -31.11 -4.18 31.71
N THR A 367 -31.97 -4.05 32.72
CA THR A 367 -32.82 -2.85 32.91
C THR A 367 -32.47 -2.12 34.21
N ALA A 368 -32.42 -0.79 34.12
CA ALA A 368 -32.06 0.14 35.23
C ALA A 368 -32.86 -0.10 36.48
N LYS A 369 -32.12 -0.30 37.57
CA LYS A 369 -32.73 -0.41 38.92
C LYS A 369 -33.55 0.85 39.24
N GLY B 1 25.12 24.90 4.28
CA GLY B 1 23.75 25.46 4.08
C GLY B 1 22.96 24.64 3.06
N SER B 2 22.21 25.33 2.23
CA SER B 2 21.52 24.74 1.09
C SER B 2 21.14 25.82 0.08
N HIS B 3 21.69 25.82 -1.14
CA HIS B 3 21.49 26.92 -2.11
C HIS B 3 20.33 26.73 -3.11
N MET B 4 19.40 27.68 -3.01
CA MET B 4 18.19 27.72 -3.82
C MET B 4 18.45 28.36 -5.17
N THR B 5 17.51 28.09 -6.07
CA THR B 5 17.42 28.77 -7.36
C THR B 5 16.24 29.78 -7.35
N PRO B 6 16.54 31.05 -7.64
CA PRO B 6 15.53 32.12 -7.57
C PRO B 6 14.70 32.32 -8.85
N GLU B 7 13.61 33.06 -8.69
CA GLU B 7 12.82 33.49 -9.85
C GLU B 7 13.63 34.35 -10.79
N HIS B 8 14.37 35.32 -10.26
CA HIS B 8 15.20 36.17 -11.11
C HIS B 8 16.64 35.73 -11.14
N LEU B 9 17.15 35.51 -12.33
CA LEU B 9 18.51 34.95 -12.52
C LEU B 9 19.50 36.06 -12.81
N PRO B 10 20.53 36.14 -12.01
CA PRO B 10 21.54 37.19 -12.27
C PRO B 10 22.49 36.76 -13.36
N THR B 11 21.95 36.70 -14.57
CA THR B 11 22.71 36.21 -15.74
C THR B 11 24.02 36.97 -15.95
N GLU B 12 24.05 38.22 -15.53
CA GLU B 12 25.28 39.08 -15.62
C GLU B 12 26.40 38.51 -14.78
N GLN B 13 26.01 37.70 -13.80
CA GLN B 13 26.94 37.09 -12.86
C GLN B 13 27.30 35.67 -13.24
N TYR B 14 26.81 35.18 -14.37
CA TYR B 14 26.93 33.76 -14.67
C TYR B 14 28.42 33.40 -14.59
N GLU B 15 29.20 34.16 -15.33
CA GLU B 15 30.61 33.88 -15.56
C GLU B 15 31.49 33.93 -14.29
N ALA B 16 31.20 34.88 -13.42
CA ALA B 16 31.90 35.02 -12.15
C ALA B 16 31.48 33.93 -11.17
N GLN B 17 30.21 33.54 -11.29
CA GLN B 17 29.62 32.54 -10.41
C GLN B 17 30.32 31.22 -10.69
N LEU B 18 30.62 31.03 -11.98
CA LEU B 18 31.29 29.84 -12.53
C LEU B 18 32.75 29.76 -12.16
N ALA B 19 33.38 30.92 -12.24
CA ALA B 19 34.79 31.07 -11.94
C ALA B 19 35.10 30.64 -10.53
N GLU B 20 34.24 31.03 -9.63
CA GLU B 20 34.44 30.76 -8.21
C GLU B 20 34.31 29.27 -7.92
N LYS B 21 33.42 28.60 -8.67
CA LYS B 21 33.27 27.15 -8.57
C LYS B 21 34.55 26.48 -9.08
N VAL B 22 35.09 27.01 -10.16
CA VAL B 22 36.30 26.46 -10.80
C VAL B 22 37.45 26.52 -9.78
N VAL B 23 37.65 27.69 -9.21
CA VAL B 23 38.72 27.84 -8.21
C VAL B 23 38.46 26.95 -7.04
N ARG B 24 37.21 26.87 -6.61
CA ARG B 24 36.84 26.04 -5.48
C ARG B 24 37.20 24.58 -5.69
N LEU B 25 36.70 24.03 -6.81
CA LEU B 25 37.06 22.67 -7.21
C LEU B 25 38.58 22.47 -7.14
N GLN B 26 39.33 23.50 -7.52
CA GLN B 26 40.79 23.39 -7.69
C GLN B 26 41.48 23.24 -6.36
N SER B 27 40.97 23.91 -5.35
CA SER B 27 41.48 23.82 -3.96
C SER B 27 41.15 22.48 -3.35
N MET B 28 39.92 22.03 -3.59
CA MET B 28 39.41 20.76 -3.03
C MET B 28 40.18 19.57 -3.56
N MET B 29 40.50 19.66 -4.85
CA MET B 29 41.26 18.62 -5.57
C MET B 29 42.81 18.65 -5.36
N ALA B 30 43.31 19.77 -4.83
CA ALA B 30 44.77 20.00 -4.68
C ALA B 30 45.52 18.82 -4.03
N PRO B 31 45.00 18.26 -2.93
CA PRO B 31 45.60 17.10 -2.27
C PRO B 31 45.70 15.84 -3.09
N PHE B 32 45.07 15.82 -4.26
CA PHE B 32 45.00 14.61 -5.09
C PHE B 32 45.43 14.77 -6.56
N SER B 33 45.51 16.01 -7.02
CA SER B 33 45.90 16.28 -8.40
C SER B 33 46.30 17.72 -8.58
N ASP B 34 47.06 17.99 -9.62
CA ASP B 34 47.45 19.37 -10.00
C ASP B 34 46.92 19.70 -11.41
N LEU B 35 46.01 18.85 -11.88
CA LEU B 35 45.35 19.06 -13.18
C LEU B 35 44.53 20.36 -13.19
N VAL B 36 44.55 21.00 -14.36
CA VAL B 36 43.73 22.14 -14.66
C VAL B 36 42.45 21.54 -15.23
N PRO B 37 41.33 21.74 -14.54
CA PRO B 37 40.14 21.04 -14.96
C PRO B 37 39.56 21.52 -16.27
N GLU B 38 38.87 20.61 -16.91
CA GLU B 38 38.03 20.94 -18.04
C GLU B 38 36.75 21.55 -17.46
N VAL B 39 36.22 22.57 -18.12
CA VAL B 39 35.04 23.25 -17.64
C VAL B 39 33.96 23.36 -18.70
N PHE B 40 32.78 22.90 -18.32
CA PHE B 40 31.62 22.93 -19.18
C PHE B 40 30.52 23.81 -18.60
N ARG B 41 30.12 24.79 -19.43
CA ARG B 41 29.13 25.81 -19.10
C ARG B 41 27.69 25.39 -19.40
N SER B 42 26.79 25.89 -18.56
CA SER B 42 25.40 25.70 -18.80
C SER B 42 24.93 26.95 -19.51
N PRO B 43 23.91 26.81 -20.35
CA PRO B 43 23.23 27.97 -20.79
C PRO B 43 22.66 28.75 -19.63
N VAL B 44 22.63 30.06 -19.72
CA VAL B 44 22.48 30.92 -18.53
C VAL B 44 21.02 30.98 -18.04
N SER B 45 20.11 30.42 -18.86
CA SER B 45 18.74 30.22 -18.42
C SER B 45 18.04 29.07 -19.15
N HIS B 46 16.86 28.72 -18.68
CA HIS B 46 16.06 27.66 -19.27
C HIS B 46 16.80 26.35 -19.45
N TYR B 47 17.53 25.98 -18.42
CA TYR B 47 18.46 24.85 -18.45
C TYR B 47 17.96 23.65 -17.66
N ARG B 48 17.02 23.89 -16.75
CA ARG B 48 16.51 22.83 -15.85
C ARG B 48 15.22 22.21 -16.38
N MET B 49 15.21 20.90 -16.57
CA MET B 49 14.14 20.25 -17.40
C MET B 49 13.02 19.66 -16.55
N ARG B 50 13.21 19.74 -15.25
CA ARG B 50 12.20 19.43 -14.31
C ARG B 50 12.26 20.36 -13.08
N ALA B 51 11.07 20.66 -12.58
CA ALA B 51 10.88 21.51 -11.42
C ALA B 51 9.64 21.11 -10.69
N GLU B 52 9.69 21.22 -9.38
CA GLU B 52 8.55 20.98 -8.52
C GLU B 52 8.20 22.24 -7.73
N PHE B 53 6.89 22.45 -7.53
CA PHE B 53 6.40 23.65 -6.81
C PHE B 53 5.26 23.34 -5.83
N ARG B 54 5.39 23.81 -4.59
CA ARG B 54 4.24 23.89 -3.68
C ARG B 54 3.25 24.87 -4.28
N ILE B 55 1.97 24.66 -4.00
CA ILE B 55 0.92 25.57 -4.46
C ILE B 55 0.30 26.28 -3.27
N TRP B 56 0.13 27.60 -3.40
CA TRP B 56 -0.48 28.39 -2.33
C TRP B 56 -1.80 28.97 -2.72
N HIS B 57 -2.74 28.85 -1.81
CA HIS B 57 -4.14 29.32 -2.00
C HIS B 57 -4.39 30.66 -1.29
N ASP B 58 -4.82 31.63 -2.09
CA ASP B 58 -5.05 32.99 -1.61
C ASP B 58 -6.51 33.37 -1.83
N GLY B 59 -7.41 32.74 -1.08
CA GLY B 59 -8.83 32.75 -1.45
C GLY B 59 -9.03 31.97 -2.74
N ASP B 60 -9.48 32.65 -3.78
CA ASP B 60 -9.74 31.96 -5.08
C ASP B 60 -8.58 32.08 -6.06
N ASP B 61 -7.66 32.99 -5.74
CA ASP B 61 -6.38 33.02 -6.43
C ASP B 61 -5.47 31.94 -5.82
N LEU B 62 -4.79 31.21 -6.70
CA LEU B 62 -3.72 30.29 -6.32
C LEU B 62 -2.51 30.38 -7.25
N TYR B 63 -1.36 30.01 -6.70
CA TYR B 63 -0.08 30.18 -7.39
C TYR B 63 1.09 29.31 -6.86
N HIS B 64 2.02 29.03 -7.76
CA HIS B 64 3.23 28.30 -7.38
C HIS B 64 4.05 29.13 -6.40
N ILE B 65 4.67 28.46 -5.44
CA ILE B 65 5.66 29.08 -4.55
C ILE B 65 6.96 28.29 -4.42
N ILE B 66 8.05 29.00 -4.32
CA ILE B 66 9.27 28.44 -3.79
C ILE B 66 9.47 28.97 -2.39
N PHE B 67 10.57 28.57 -1.76
CA PHE B 67 10.88 28.98 -0.38
C PHE B 67 12.25 29.57 -0.28
N ASP B 68 12.34 30.67 0.46
CA ASP B 68 13.63 31.34 0.64
C ASP B 68 14.59 30.46 1.41
N GLN B 69 15.77 30.33 0.82
CA GLN B 69 16.99 29.69 1.38
C GLN B 69 17.24 29.79 2.86
N GLN B 70 17.29 31.02 3.34
CA GLN B 70 17.70 31.34 4.71
C GLN B 70 16.52 31.38 5.67
N THR B 71 15.44 32.10 5.26
CA THR B 71 14.29 32.39 6.16
C THR B 71 13.21 31.37 6.02
N LYS B 72 13.25 30.65 4.89
CA LYS B 72 12.28 29.60 4.56
C LYS B 72 10.84 30.10 4.33
N SER B 73 10.68 31.41 4.17
CA SER B 73 9.38 32.06 3.89
C SER B 73 9.00 31.83 2.43
N ARG B 74 7.70 31.81 2.14
CA ARG B 74 7.28 31.48 0.78
C ARG B 74 7.50 32.66 -0.13
N ILE B 75 7.80 32.33 -1.37
CA ILE B 75 7.97 33.30 -2.44
C ILE B 75 7.06 32.92 -3.58
N ARG B 76 6.23 33.86 -3.99
CA ARG B 76 5.34 33.62 -5.12
C ARG B 76 6.11 33.72 -6.40
N VAL B 77 5.79 32.82 -7.28
CA VAL B 77 6.52 32.58 -8.50
C VAL B 77 5.54 32.50 -9.68
N ASP B 78 5.62 33.48 -10.57
CA ASP B 78 4.76 33.50 -11.78
C ASP B 78 5.47 32.88 -12.96
N SER B 79 6.78 33.03 -12.95
CA SER B 79 7.64 32.36 -13.90
C SER B 79 8.77 31.72 -13.12
N PHE B 80 9.54 30.92 -13.84
CA PHE B 80 10.70 30.27 -13.29
C PHE B 80 11.69 30.04 -14.37
N PRO B 81 12.38 31.11 -14.82
CA PRO B 81 13.30 31.10 -15.97
C PRO B 81 14.47 30.15 -15.92
N ALA B 82 14.73 29.55 -14.77
CA ALA B 82 15.78 28.52 -14.67
C ALA B 82 15.21 27.28 -15.36
N ALA B 83 13.90 27.10 -15.25
CA ALA B 83 13.20 25.96 -15.81
C ALA B 83 13.01 26.20 -17.31
N SER B 84 13.00 25.09 -18.05
CA SER B 84 12.80 25.10 -19.49
C SER B 84 11.62 25.92 -19.90
N GLU B 85 11.65 26.22 -21.20
CA GLU B 85 10.64 27.06 -21.79
C GLU B 85 9.28 26.40 -21.71
N LEU B 86 9.28 25.09 -21.83
CA LEU B 86 8.01 24.29 -21.77
C LEU B 86 7.39 24.22 -20.36
N ILE B 87 8.25 24.11 -19.35
CA ILE B 87 7.78 24.18 -17.94
C ILE B 87 7.11 25.51 -17.73
N ASN B 88 7.65 26.55 -18.35
CA ASN B 88 7.15 27.91 -18.11
C ASN B 88 5.71 28.10 -18.66
N GLN B 89 5.51 27.63 -19.87
CA GLN B 89 4.19 27.60 -20.50
C GLN B 89 3.22 26.75 -19.72
N LEU B 90 3.69 25.57 -19.31
CA LEU B 90 2.80 24.65 -18.50
C LEU B 90 2.45 25.21 -17.13
N MET B 91 3.33 26.04 -16.57
CA MET B 91 3.03 26.68 -15.28
C MET B 91 1.82 27.57 -15.42
N THR B 92 1.78 28.32 -16.51
CA THR B 92 0.64 29.21 -16.81
C THR B 92 -0.64 28.44 -17.13
N ALA B 93 -0.53 27.43 -17.99
CA ALA B 93 -1.68 26.57 -18.36
C ALA B 93 -2.32 25.88 -17.16
N MET B 94 -1.49 25.36 -16.28
CA MET B 94 -1.99 24.58 -15.17
C MET B 94 -2.77 25.45 -14.19
N ILE B 95 -2.31 26.67 -13.96
CA ILE B 95 -3.04 27.54 -13.03
C ILE B 95 -4.32 28.01 -13.72
N ALA B 96 -4.26 28.18 -15.03
CA ALA B 96 -5.42 28.50 -15.86
C ALA B 96 -6.48 27.43 -15.70
N GLY B 97 -6.08 26.19 -15.93
CA GLY B 97 -7.01 25.07 -16.04
C GLY B 97 -7.57 24.55 -14.73
N VAL B 98 -7.03 25.07 -13.64
CA VAL B 98 -7.42 24.61 -12.32
C VAL B 98 -8.11 25.70 -11.49
N ARG B 99 -7.83 26.95 -11.84
CA ARG B 99 -8.14 28.14 -11.02
C ARG B 99 -9.57 28.14 -10.47
N ASN B 100 -10.48 27.75 -11.37
CA ASN B 100 -11.92 27.86 -11.11
C ASN B 100 -12.67 26.57 -11.49
N ASN B 101 -11.94 25.46 -11.43
CA ASN B 101 -12.50 24.12 -11.57
C ASN B 101 -12.30 23.35 -10.25
N PRO B 102 -13.12 23.63 -9.23
CA PRO B 102 -12.95 23.24 -7.82
C PRO B 102 -12.48 21.83 -7.51
N VAL B 103 -12.79 20.86 -8.38
CA VAL B 103 -12.33 19.48 -8.14
C VAL B 103 -10.84 19.38 -8.40
N LEU B 104 -10.36 20.15 -9.37
CA LEU B 104 -8.94 20.22 -9.74
C LEU B 104 -8.15 21.10 -8.73
N ARG B 105 -8.81 22.11 -8.20
CA ARG B 105 -8.19 23.14 -7.33
C ARG B 105 -8.07 22.66 -5.88
N HIS B 106 -9.10 21.97 -5.44
CA HIS B 106 -9.28 21.76 -4.02
C HIS B 106 -8.29 20.73 -3.49
N LYS B 107 -7.52 21.19 -2.50
CA LYS B 107 -6.46 20.43 -1.80
C LYS B 107 -5.26 20.10 -2.68
N LEU B 108 -5.13 20.81 -3.81
CA LEU B 108 -3.99 20.72 -4.72
C LEU B 108 -2.81 21.45 -4.11
N PHE B 109 -1.84 20.70 -3.58
CA PHE B 109 -0.75 21.28 -2.76
C PHE B 109 0.65 21.38 -3.43
N GLN B 110 0.94 20.52 -4.40
CA GLN B 110 2.10 20.76 -5.28
C GLN B 110 1.91 20.22 -6.67
N ILE B 111 2.71 20.77 -7.57
CA ILE B 111 2.73 20.35 -8.95
C ILE B 111 4.15 20.11 -9.39
N ASP B 112 4.35 18.94 -9.99
CA ASP B 112 5.63 18.50 -10.49
C ASP B 112 5.63 18.55 -12.00
N TYR B 113 6.66 19.16 -12.55
CA TYR B 113 6.86 19.23 -14.00
C TYR B 113 8.12 18.48 -14.43
N LEU B 114 7.94 17.72 -15.51
CA LEU B 114 8.95 16.94 -16.21
C LEU B 114 8.86 17.18 -17.70
N THR B 115 9.99 17.47 -18.30
CA THR B 115 10.06 18.06 -19.62
C THR B 115 11.28 17.55 -20.36
N THR B 116 11.22 17.57 -21.67
CA THR B 116 12.35 17.12 -22.52
C THR B 116 12.67 18.05 -23.67
N LEU B 117 13.94 18.05 -24.07
CA LEU B 117 14.40 18.72 -25.26
C LEU B 117 13.52 18.31 -26.49
N SER B 118 13.19 17.03 -26.57
CA SER B 118 12.27 16.51 -27.59
C SER B 118 10.87 17.08 -27.45
N ASN B 119 10.63 17.87 -26.42
CA ASN B 119 9.39 18.64 -26.27
C ASN B 119 8.15 17.93 -25.70
N GLN B 120 8.41 16.87 -24.95
CA GLN B 120 7.33 16.17 -24.24
C GLN B 120 7.30 16.58 -22.78
N ALA B 121 6.17 16.31 -22.14
CA ALA B 121 5.99 16.70 -20.78
C ALA B 121 5.20 15.69 -19.97
N VAL B 122 5.52 15.62 -18.67
CA VAL B 122 4.65 14.98 -17.67
C VAL B 122 4.41 15.90 -16.44
N VAL B 123 3.13 16.21 -16.22
CA VAL B 123 2.71 17.04 -15.12
C VAL B 123 1.95 16.27 -14.06
N SER B 124 2.48 16.31 -12.83
CA SER B 124 1.86 15.60 -11.73
C SER B 124 1.22 16.59 -10.77
N LEU B 125 -0.07 16.38 -10.56
CA LEU B 125 -0.83 17.16 -9.61
C LEU B 125 -1.03 16.32 -8.37
N LEU B 126 -0.56 16.84 -7.24
CA LEU B 126 -0.60 16.14 -5.96
C LEU B 126 -1.61 16.77 -4.97
N TYR B 127 -2.33 15.89 -4.26
CA TYR B 127 -3.49 16.27 -3.43
C TYR B 127 -3.50 15.66 -2.05
N HIS B 128 -4.03 16.46 -1.14
CA HIS B 128 -4.38 16.02 0.20
C HIS B 128 -5.90 15.71 0.26
N LYS B 129 -6.33 14.83 -0.65
CA LYS B 129 -7.71 14.36 -0.77
C LYS B 129 -7.79 13.16 -1.70
N LYS B 130 -8.83 12.36 -1.50
CA LYS B 130 -9.09 11.19 -2.34
C LYS B 130 -9.53 11.63 -3.72
N LEU B 131 -9.10 10.90 -4.73
CA LEU B 131 -9.41 11.21 -6.13
C LEU B 131 -10.39 10.19 -6.68
N ASP B 132 -11.31 10.69 -7.50
CA ASP B 132 -12.44 9.88 -7.97
C ASP B 132 -12.82 10.21 -9.40
N ASP B 133 -13.84 9.51 -9.88
CA ASP B 133 -14.29 9.60 -11.28
C ASP B 133 -14.66 11.01 -11.68
N GLU B 134 -15.11 11.79 -10.71
CA GLU B 134 -15.45 13.18 -10.94
C GLU B 134 -14.16 13.94 -11.23
N TRP B 135 -13.16 13.69 -10.38
CA TRP B 135 -11.81 14.26 -10.59
C TRP B 135 -11.23 13.83 -11.91
N ARG B 136 -11.39 12.55 -12.22
CA ARG B 136 -10.89 11.93 -13.46
C ARG B 136 -11.51 12.55 -14.71
N GLN B 137 -12.80 12.87 -14.60
CA GLN B 137 -13.57 13.47 -15.70
C GLN B 137 -12.95 14.79 -16.08
N GLU B 138 -12.85 15.67 -15.07
CA GLU B 138 -12.33 17.03 -15.28
C GLU B 138 -10.86 17.00 -15.71
N ALA B 139 -10.11 16.13 -15.06
CA ALA B 139 -8.70 15.95 -15.38
C ALA B 139 -8.51 15.53 -16.82
N GLU B 140 -9.45 14.75 -17.33
CA GLU B 140 -9.38 14.33 -18.75
C GLU B 140 -9.58 15.50 -19.72
N ALA B 141 -10.45 16.42 -19.34
CA ALA B 141 -10.76 17.57 -20.20
C ALA B 141 -9.57 18.52 -20.24
N LEU B 142 -8.85 18.59 -19.11
CA LEU B 142 -7.66 19.46 -18.96
C LEU B 142 -6.50 19.02 -19.84
N ARG B 143 -6.32 17.71 -19.95
CA ARG B 143 -5.27 17.19 -20.87
C ARG B 143 -5.56 17.40 -22.37
N ASP B 144 -6.85 17.36 -22.71
CA ASP B 144 -7.28 17.60 -24.10
C ASP B 144 -7.26 19.06 -24.42
N ALA B 145 -7.55 19.86 -23.41
CA ALA B 145 -7.39 21.31 -23.52
C ALA B 145 -5.90 21.64 -23.78
N LEU B 146 -5.03 20.96 -23.03
CA LEU B 146 -3.58 21.15 -23.15
C LEU B 146 -3.07 20.62 -24.44
N ARG B 147 -3.48 19.42 -24.78
CA ARG B 147 -3.09 18.81 -26.08
C ARG B 147 -3.62 19.65 -27.22
N ALA B 148 -4.87 20.09 -27.02
CA ALA B 148 -5.53 21.00 -27.97
C ALA B 148 -4.52 22.01 -28.47
N GLN B 149 -3.55 22.34 -27.62
CA GLN B 149 -2.70 23.52 -27.77
C GLN B 149 -1.37 23.11 -28.35
N ASN B 150 -1.28 21.85 -28.75
CA ASN B 150 -0.06 21.31 -29.34
C ASN B 150 1.01 20.91 -28.34
N LEU B 151 0.65 20.92 -27.06
CA LEU B 151 1.54 20.44 -25.99
C LEU B 151 1.50 18.91 -25.95
N ASN B 152 2.66 18.27 -26.15
CA ASN B 152 2.74 16.81 -25.94
C ASN B 152 2.83 16.45 -24.46
N VAL B 153 1.69 16.34 -23.81
CA VAL B 153 1.66 16.32 -22.36
C VAL B 153 0.76 15.25 -21.76
N HIS B 154 1.30 14.54 -20.79
CA HIS B 154 0.53 13.66 -19.89
C HIS B 154 0.37 14.24 -18.48
N LEU B 155 -0.57 13.67 -17.76
CA LEU B 155 -0.94 14.14 -16.43
C LEU B 155 -1.07 12.99 -15.45
N ILE B 156 -0.51 13.16 -14.26
CA ILE B 156 -0.61 12.15 -13.21
C ILE B 156 -1.31 12.74 -12.02
N GLY B 157 -2.35 12.06 -11.58
CA GLY B 157 -3.08 12.50 -10.41
C GLY B 157 -2.55 11.67 -9.27
N ARG B 158 -2.17 12.34 -8.18
CA ARG B 158 -1.61 11.65 -7.04
C ARG B 158 -2.19 12.08 -5.72
N ALA B 159 -2.47 11.10 -4.90
CA ALA B 159 -2.71 11.28 -3.47
C ALA B 159 -2.22 9.98 -2.79
N THR B 160 -2.50 9.82 -1.49
CA THR B 160 -2.02 8.63 -0.79
C THR B 160 -2.51 7.35 -1.44
N LYS B 161 -1.56 6.47 -1.71
CA LYS B 161 -1.81 5.19 -2.38
C LYS B 161 -2.52 5.30 -3.71
N THR B 162 -2.42 6.47 -4.32
CA THR B 162 -3.18 6.79 -5.52
C THR B 162 -2.28 7.32 -6.59
N LYS B 163 -2.43 6.76 -7.80
CA LYS B 163 -1.69 7.19 -8.97
C LYS B 163 -2.41 6.99 -10.33
N ILE B 164 -3.20 7.98 -10.72
CA ILE B 164 -3.99 7.93 -11.94
C ILE B 164 -3.18 8.47 -13.10
N GLU B 165 -2.76 7.57 -13.98
CA GLU B 165 -2.03 7.96 -15.19
C GLU B 165 -3.01 8.28 -16.29
N LEU B 166 -3.06 9.52 -16.72
CA LEU B 166 -4.08 9.86 -17.69
C LEU B 166 -3.96 8.85 -18.85
N ASP B 167 -2.70 8.67 -19.27
CA ASP B 167 -2.35 7.66 -20.29
C ASP B 167 -1.06 6.93 -19.89
N GLN B 168 -0.05 7.70 -19.48
CA GLN B 168 1.24 7.10 -19.10
C GLN B 168 2.08 7.96 -18.14
N ASP B 169 3.22 7.42 -17.70
CA ASP B 169 4.07 8.10 -16.68
C ASP B 169 5.52 8.32 -17.14
N TYR B 170 5.74 8.17 -18.43
CA TYR B 170 7.05 8.36 -19.03
C TYR B 170 6.95 9.18 -20.31
N ILE B 171 8.07 9.80 -20.66
CA ILE B 171 8.27 10.46 -21.96
C ILE B 171 9.65 10.08 -22.44
N ASP B 172 9.92 10.40 -23.69
CA ASP B 172 11.14 9.98 -24.38
C ASP B 172 11.92 11.16 -24.80
N GLU B 173 13.11 11.25 -24.24
CA GLU B 173 14.09 12.25 -24.63
C GLU B 173 14.73 11.83 -25.92
N ARG B 174 15.25 12.84 -26.60
CA ARG B 174 16.11 12.69 -27.75
C ARG B 174 17.31 13.60 -27.51
N LEU B 175 18.48 13.03 -27.28
CA LEU B 175 19.72 13.81 -27.06
C LEU B 175 20.77 13.60 -28.14
N PRO B 176 21.23 14.67 -28.78
CA PRO B 176 22.39 14.54 -29.63
C PRO B 176 23.65 14.36 -28.84
N VAL B 177 24.28 13.23 -29.06
CA VAL B 177 25.52 12.87 -28.41
C VAL B 177 26.53 12.50 -29.48
N ALA B 178 27.71 13.12 -29.39
CA ALA B 178 28.81 12.96 -30.35
C ALA B 178 28.34 12.41 -31.71
N GLY B 179 27.56 13.20 -32.44
CA GLY B 179 27.12 12.80 -33.78
C GLY B 179 25.78 12.05 -33.80
N LYS B 180 25.71 10.94 -33.07
CA LYS B 180 24.48 10.12 -33.09
C LYS B 180 23.42 10.61 -32.09
N GLU B 181 22.19 10.63 -32.58
CA GLU B 181 21.00 10.75 -31.72
C GLU B 181 20.90 9.60 -30.74
N MET B 182 20.04 9.79 -29.76
CA MET B 182 19.97 8.89 -28.63
C MET B 182 18.61 9.04 -27.96
N ILE B 183 17.86 7.96 -27.90
CA ILE B 183 16.57 7.95 -27.21
C ILE B 183 16.80 7.56 -25.76
N TYR B 184 16.12 8.26 -24.87
CA TYR B 184 16.12 7.91 -23.47
C TYR B 184 14.75 8.11 -22.90
N ARG B 185 14.09 7.01 -22.61
CA ARG B 185 12.85 7.02 -21.85
C ARG B 185 13.16 7.44 -20.40
N GLN B 186 12.28 8.30 -19.89
CA GLN B 186 12.38 8.91 -18.55
C GLN B 186 11.07 8.74 -17.85
N VAL B 187 11.08 8.12 -16.68
CA VAL B 187 9.89 7.84 -15.87
C VAL B 187 9.73 8.80 -14.72
N GLU B 188 8.51 9.31 -14.57
CA GLU B 188 8.13 10.21 -13.46
C GLU B 188 8.52 9.58 -12.14
N ASN B 189 9.18 10.37 -11.28
CA ASN B 189 9.63 9.92 -9.93
C ASN B 189 10.78 8.99 -9.97
N SER B 190 11.35 8.83 -11.15
CA SER B 190 12.64 8.19 -11.27
C SER B 190 13.70 9.22 -11.66
N PHE B 191 14.89 9.06 -11.11
CA PHE B 191 15.94 10.03 -11.31
C PHE B 191 16.33 10.24 -12.75
N THR B 192 16.39 11.51 -13.11
CA THR B 192 17.03 11.95 -14.35
C THR B 192 17.89 13.17 -14.00
N GLN B 193 19.00 13.28 -14.71
CA GLN B 193 19.79 14.50 -14.69
C GLN B 193 18.87 15.69 -15.09
N PRO B 194 18.90 16.78 -14.27
CA PRO B 194 17.97 17.91 -14.43
C PRO B 194 18.36 18.89 -15.49
N ASN B 195 19.63 18.84 -15.87
CA ASN B 195 20.17 19.74 -16.85
C ASN B 195 20.59 18.93 -18.09
N ALA B 196 19.74 19.00 -19.11
CA ALA B 196 19.91 18.18 -20.30
C ALA B 196 21.07 18.73 -21.09
N ALA B 197 21.20 20.04 -21.13
CA ALA B 197 22.36 20.65 -21.79
C ALA B 197 23.64 20.17 -21.17
N MET B 198 23.68 20.05 -19.85
CA MET B 198 24.95 19.58 -19.15
C MET B 198 25.09 18.07 -19.29
N ASN B 199 23.94 17.39 -19.34
CA ASN B 199 23.97 15.95 -19.54
C ASN B 199 24.64 15.57 -20.85
N ILE B 200 24.27 16.25 -21.93
CA ILE B 200 24.90 16.03 -23.24
C ILE B 200 26.43 16.10 -23.10
N GLN B 201 26.89 17.07 -22.32
CA GLN B 201 28.29 17.28 -22.21
C GLN B 201 28.98 16.23 -21.38
N MET B 202 28.26 15.70 -20.38
CA MET B 202 28.85 14.73 -19.43
C MET B 202 29.05 13.45 -20.18
N LEU B 203 28.02 13.13 -20.95
CA LEU B 203 28.02 11.98 -21.82
C LEU B 203 29.22 12.02 -22.74
N GLU B 204 29.31 13.16 -23.44
CA GLU B 204 30.38 13.46 -24.40
C GLU B 204 31.74 13.53 -23.75
N TRP B 205 31.83 14.00 -22.53
CA TRP B 205 33.14 13.96 -21.87
C TRP B 205 33.52 12.55 -21.49
N ALA B 206 32.57 11.81 -20.95
CA ALA B 206 32.81 10.39 -20.60
C ALA B 206 33.17 9.56 -21.85
N LEU B 207 32.58 9.92 -22.99
CA LEU B 207 32.84 9.21 -24.24
C LEU B 207 34.32 9.45 -24.66
N ASP B 208 34.77 10.67 -24.44
CA ASP B 208 36.14 11.06 -24.80
C ASP B 208 37.20 10.48 -23.88
N VAL B 209 36.83 10.29 -22.63
CA VAL B 209 37.78 9.83 -21.60
C VAL B 209 37.96 8.31 -21.71
N THR B 210 37.03 7.64 -22.36
CA THR B 210 37.05 6.19 -22.43
C THR B 210 37.35 5.75 -23.85
N LYS B 211 38.02 6.61 -24.60
CA LYS B 211 38.32 6.28 -26.00
C LYS B 211 39.52 5.38 -26.09
N GLY B 212 39.40 4.37 -26.92
CA GLY B 212 40.47 3.39 -27.13
C GLY B 212 40.73 2.56 -25.88
N SER B 213 39.65 2.23 -25.21
CA SER B 213 39.74 1.38 -24.06
C SER B 213 39.58 -0.06 -24.55
N LYS B 214 40.32 -0.95 -23.88
CA LYS B 214 40.33 -2.37 -24.17
C LYS B 214 39.34 -3.06 -23.27
N GLY B 215 38.40 -3.74 -23.88
CA GLY B 215 37.55 -4.65 -23.14
C GLY B 215 36.15 -4.16 -22.81
N ASP B 216 35.78 -4.36 -21.55
CA ASP B 216 34.39 -4.17 -21.11
C ASP B 216 34.23 -3.17 -20.02
N LEU B 217 32.97 -2.75 -19.87
CA LEU B 217 32.58 -1.77 -18.83
C LEU B 217 31.56 -2.32 -17.83
N LEU B 218 31.78 -1.93 -16.57
CA LEU B 218 30.81 -2.17 -15.51
C LEU B 218 30.26 -0.84 -14.93
N GLU B 219 28.95 -0.68 -15.06
CA GLU B 219 28.26 0.47 -14.48
C GLU B 219 27.36 0.05 -13.31
N LEU B 220 27.57 0.72 -12.18
CA LEU B 220 26.72 0.53 -11.02
C LEU B 220 25.61 1.60 -10.92
N TYR B 221 24.38 1.12 -10.68
CA TYR B 221 23.21 2.00 -10.51
C TYR B 221 23.11 3.08 -11.63
N CYS B 222 22.61 2.58 -12.76
CA CYS B 222 22.77 3.21 -14.04
C CYS B 222 21.48 3.88 -14.48
N GLY B 223 20.50 3.83 -13.60
CA GLY B 223 19.19 4.40 -13.88
C GLY B 223 18.61 3.83 -15.15
N ASN B 224 18.19 4.73 -16.02
CA ASN B 224 17.49 4.39 -17.27
C ASN B 224 18.47 4.01 -18.36
N GLY B 225 19.72 3.92 -17.95
CA GLY B 225 20.83 3.58 -18.86
C GLY B 225 21.67 4.72 -19.40
N ASN B 226 21.31 5.94 -19.00
CA ASN B 226 22.00 7.17 -19.42
C ASN B 226 23.43 6.99 -19.94
N PHE B 227 24.35 6.74 -19.01
CA PHE B 227 25.78 6.68 -19.36
C PHE B 227 26.17 5.42 -20.13
N SER B 228 25.74 4.28 -19.61
CA SER B 228 25.99 2.97 -20.26
C SER B 228 25.67 3.00 -21.73
N LEU B 229 24.47 3.39 -22.07
CA LEU B 229 24.03 3.26 -23.47
C LEU B 229 24.89 4.09 -24.40
N ALA B 230 25.39 5.22 -23.87
CA ALA B 230 26.29 6.09 -24.63
C ALA B 230 27.66 5.47 -24.75
N LEU B 231 28.18 5.00 -23.62
CA LEU B 231 29.54 4.49 -23.56
C LEU B 231 29.69 3.14 -24.23
N ALA B 232 28.56 2.55 -24.61
CA ALA B 232 28.55 1.26 -25.29
C ALA B 232 29.44 1.28 -26.52
N ARG B 233 29.69 2.48 -27.04
CA ARG B 233 30.48 2.67 -28.31
C ARG B 233 31.94 2.34 -28.15
N ASN B 234 32.41 2.46 -26.93
CA ASN B 234 33.83 2.43 -26.68
C ASN B 234 34.22 1.17 -25.98
N PHE B 235 33.26 0.28 -25.85
CA PHE B 235 33.48 -0.99 -25.15
C PHE B 235 32.91 -2.15 -25.92
N ASP B 236 33.62 -3.27 -25.82
CA ASP B 236 33.29 -4.50 -26.52
C ASP B 236 31.96 -5.03 -25.97
N ARG B 237 31.86 -4.99 -24.65
CA ARG B 237 30.64 -5.39 -23.92
C ARG B 237 30.41 -4.56 -22.65
N VAL B 238 29.13 -4.32 -22.37
CA VAL B 238 28.72 -3.56 -21.16
C VAL B 238 27.76 -4.33 -20.25
N LEU B 239 28.12 -4.29 -18.98
CA LEU B 239 27.31 -4.82 -17.90
C LEU B 239 26.90 -3.69 -16.90
N ALA B 240 25.58 -3.47 -16.84
CA ALA B 240 24.98 -2.39 -16.03
C ALA B 240 24.00 -2.90 -14.98
N THR B 241 24.27 -2.55 -13.72
CA THR B 241 23.36 -2.93 -12.62
C THR B 241 22.37 -1.83 -12.20
N GLU B 242 21.13 -2.28 -11.96
CA GLU B 242 20.04 -1.46 -11.38
C GLU B 242 18.94 -2.30 -10.67
N ILE B 243 18.60 -1.85 -9.46
CA ILE B 243 17.55 -2.46 -8.59
C ILE B 243 16.16 -1.89 -8.88
N ALA B 244 16.05 -0.56 -8.86
CA ALA B 244 14.76 0.13 -9.08
C ALA B 244 14.08 -0.36 -10.35
N LYS B 245 12.89 -0.95 -10.19
CA LYS B 245 12.21 -1.71 -11.26
C LYS B 245 11.69 -0.88 -12.45
N PRO B 246 11.27 0.37 -12.21
CA PRO B 246 10.85 1.20 -13.36
C PRO B 246 12.05 1.71 -14.18
N SER B 247 13.17 1.90 -13.49
CA SER B 247 14.44 2.29 -14.12
C SER B 247 14.99 1.17 -14.98
N VAL B 248 14.82 -0.04 -14.46
CA VAL B 248 15.27 -1.25 -15.13
C VAL B 248 14.41 -1.43 -16.38
N ALA B 249 13.11 -1.21 -16.25
CA ALA B 249 12.23 -1.32 -17.40
C ALA B 249 12.63 -0.29 -18.47
N ALA B 250 12.81 0.97 -18.03
CA ALA B 250 13.17 2.09 -18.91
C ALA B 250 14.48 1.81 -19.60
N ALA B 251 15.43 1.35 -18.80
CA ALA B 251 16.74 0.98 -19.33
C ALA B 251 16.60 -0.11 -20.41
N GLN B 252 15.71 -1.05 -20.20
CA GLN B 252 15.52 -2.19 -21.14
C GLN B 252 14.97 -1.67 -22.45
N TYR B 253 13.95 -0.86 -22.31
CA TYR B 253 13.34 -0.25 -23.46
C TYR B 253 14.35 0.57 -24.23
N ASN B 254 15.25 1.20 -23.50
CA ASN B 254 16.20 2.15 -24.11
C ASN B 254 17.25 1.43 -24.95
N ILE B 255 17.49 0.16 -24.62
CA ILE B 255 18.46 -0.66 -25.37
C ILE B 255 17.82 -1.00 -26.72
N ALA B 256 16.64 -1.59 -26.64
CA ALA B 256 15.81 -1.86 -27.83
C ALA B 256 15.72 -0.66 -28.78
N ALA B 257 15.17 0.43 -28.25
CA ALA B 257 14.95 1.70 -28.99
C ALA B 257 16.17 2.34 -29.65
N ASN B 258 17.37 2.07 -29.12
CA ASN B 258 18.62 2.59 -29.70
C ASN B 258 19.35 1.52 -30.52
N HIS B 259 18.71 0.37 -30.70
CA HIS B 259 19.31 -0.74 -31.46
C HIS B 259 20.70 -1.07 -30.98
N ILE B 260 20.85 -1.17 -29.68
CA ILE B 260 22.12 -1.54 -29.05
C ILE B 260 22.13 -3.02 -28.75
N ASP B 261 23.31 -3.63 -28.99
CA ASP B 261 23.50 -5.08 -28.88
C ASP B 261 24.49 -5.51 -27.84
N ASN B 262 25.33 -4.58 -27.36
CA ASN B 262 26.44 -4.98 -26.51
C ASN B 262 26.28 -4.61 -25.06
N VAL B 263 25.03 -4.42 -24.64
CA VAL B 263 24.76 -4.04 -23.24
C VAL B 263 23.70 -4.92 -22.60
N GLN B 264 24.07 -5.47 -21.46
CA GLN B 264 23.19 -6.32 -20.66
C GLN B 264 22.85 -5.61 -19.35
N ILE B 265 21.55 -5.49 -19.10
CA ILE B 265 21.04 -4.97 -17.83
C ILE B 265 20.77 -6.12 -16.86
N ILE B 266 21.32 -5.92 -15.66
CA ILE B 266 21.27 -6.89 -14.55
C ILE B 266 20.58 -6.29 -13.31
N ARG B 267 19.53 -6.97 -12.89
CA ARG B 267 18.72 -6.49 -11.77
C ARG B 267 19.37 -6.87 -10.44
N MET B 268 20.37 -6.11 -10.03
CA MET B 268 21.16 -6.50 -8.88
C MET B 268 21.75 -5.34 -8.15
N ALA B 269 21.74 -5.45 -6.83
CA ALA B 269 22.40 -4.47 -5.97
C ALA B 269 23.92 -4.68 -5.98
N ALA B 270 24.66 -3.66 -5.55
CA ALA B 270 26.14 -3.67 -5.58
C ALA B 270 26.73 -4.85 -4.83
N GLU B 271 26.13 -5.11 -3.67
CA GLU B 271 26.65 -6.05 -2.70
C GLU B 271 26.53 -7.49 -3.19
N GLU B 272 25.38 -7.82 -3.77
CA GLU B 272 25.07 -9.18 -4.25
C GLU B 272 25.44 -9.36 -5.73
N PHE B 273 26.19 -8.39 -6.25
CA PHE B 273 26.89 -8.52 -7.53
C PHE B 273 28.33 -8.89 -7.20
N THR B 274 28.96 -8.09 -6.34
CA THR B 274 30.32 -8.36 -5.90
C THR B 274 30.44 -9.80 -5.35
N GLN B 275 29.34 -10.34 -4.84
CA GLN B 275 29.30 -11.75 -4.41
C GLN B 275 29.49 -12.69 -5.58
N ALA B 276 28.78 -12.38 -6.65
CA ALA B 276 28.89 -13.11 -7.91
C ALA B 276 30.31 -13.05 -8.50
N MET B 277 30.97 -11.89 -8.35
CA MET B 277 32.39 -11.73 -8.75
C MET B 277 33.25 -12.62 -7.85
N ASN B 278 33.84 -11.98 -6.84
CA ASN B 278 34.74 -12.64 -5.88
C ASN B 278 33.95 -13.38 -4.83
N GLY B 279 34.30 -14.65 -4.66
CA GLY B 279 33.44 -15.65 -4.05
C GLY B 279 32.43 -16.07 -5.12
N VAL B 280 31.56 -16.99 -4.75
CA VAL B 280 30.42 -17.30 -5.62
C VAL B 280 29.11 -17.37 -4.83
N ARG B 281 28.05 -17.46 -5.62
CA ARG B 281 26.70 -17.65 -5.17
C ARG B 281 25.98 -17.83 -6.48
N GLU B 282 25.48 -19.03 -6.72
CA GLU B 282 24.83 -19.33 -8.00
C GLU B 282 23.46 -18.63 -8.06
N PHE B 283 23.45 -17.49 -8.75
CA PHE B 283 22.27 -16.61 -8.80
C PHE B 283 21.25 -17.05 -9.81
N ASN B 284 20.06 -17.21 -9.25
CA ASN B 284 18.80 -17.35 -9.96
C ASN B 284 18.68 -16.49 -11.24
N ARG B 285 19.04 -15.20 -11.12
CA ARG B 285 18.78 -14.19 -12.17
C ARG B 285 19.96 -13.94 -13.14
N LEU B 286 21.17 -14.13 -12.63
CA LEU B 286 22.39 -14.08 -13.46
C LEU B 286 22.52 -15.30 -14.38
N GLN B 287 21.80 -16.37 -14.03
CA GLN B 287 21.93 -17.66 -14.73
C GLN B 287 22.14 -17.54 -16.24
N GLY B 288 21.42 -16.61 -16.86
CA GLY B 288 21.48 -16.39 -18.30
C GLY B 288 22.86 -16.05 -18.86
N ILE B 289 23.73 -15.51 -18.00
CA ILE B 289 25.05 -15.00 -18.39
C ILE B 289 26.21 -15.49 -17.47
N ASP B 290 27.41 -15.55 -18.05
CA ASP B 290 28.64 -15.99 -17.32
C ASP B 290 29.61 -14.82 -17.05
N LEU B 291 29.81 -14.49 -15.77
CA LEU B 291 30.65 -13.34 -15.36
C LEU B 291 32.15 -13.46 -15.66
N LYS B 292 32.62 -14.69 -15.63
CA LYS B 292 34.04 -14.97 -15.86
C LYS B 292 34.36 -14.73 -17.32
N SER B 293 33.32 -14.86 -18.15
CA SER B 293 33.40 -14.63 -19.60
C SER B 293 33.55 -13.13 -19.96
N TYR B 294 33.17 -12.27 -19.04
CA TYR B 294 33.28 -10.79 -19.16
C TYR B 294 34.63 -10.32 -18.62
N GLN B 295 35.14 -9.23 -19.20
CA GLN B 295 36.44 -8.64 -18.80
C GLN B 295 36.40 -7.11 -18.58
N CYS B 296 36.12 -6.72 -17.34
CA CYS B 296 35.86 -5.31 -17.01
C CYS B 296 36.99 -4.65 -16.30
N GLU B 297 37.77 -3.90 -17.05
CA GLU B 297 38.90 -3.14 -16.51
C GLU B 297 38.49 -1.72 -16.13
N THR B 298 37.30 -1.33 -16.58
CA THR B 298 36.73 0.00 -16.29
C THR B 298 35.40 -0.14 -15.57
N ILE B 299 35.33 0.49 -14.40
CA ILE B 299 34.06 0.61 -13.65
C ILE B 299 33.55 2.06 -13.59
N PHE B 300 32.27 2.22 -13.92
CA PHE B 300 31.56 3.53 -13.85
C PHE B 300 30.59 3.68 -12.67
N VAL B 301 30.74 4.81 -11.99
CA VAL B 301 30.00 5.13 -10.76
C VAL B 301 29.46 6.57 -10.76
N ASP B 302 28.15 6.72 -10.53
CA ASP B 302 27.49 8.03 -10.40
C ASP B 302 26.50 8.14 -9.23
N PRO B 303 27.02 8.35 -8.00
CA PRO B 303 26.20 8.21 -6.80
C PRO B 303 25.47 9.48 -6.34
N PRO B 304 24.61 9.32 -5.34
CA PRO B 304 23.94 10.49 -4.86
C PRO B 304 24.88 11.35 -4.05
N ARG B 305 24.34 12.47 -3.57
CA ARG B 305 25.11 13.50 -2.89
C ARG B 305 26.07 12.92 -1.84
N SER B 306 25.64 11.82 -1.21
CA SER B 306 26.36 11.15 -0.13
C SER B 306 27.59 10.38 -0.63
N GLY B 307 27.58 9.99 -1.90
CA GLY B 307 28.75 9.42 -2.56
C GLY B 307 28.88 7.93 -2.37
N LEU B 308 30.09 7.40 -2.58
CA LEU B 308 30.35 5.98 -2.36
C LEU B 308 30.43 5.64 -0.89
N ASP B 309 29.71 4.60 -0.49
CA ASP B 309 29.94 4.00 0.86
C ASP B 309 31.24 3.21 0.90
N SER B 310 31.68 2.86 2.10
CA SER B 310 33.05 2.28 2.31
C SER B 310 33.19 0.93 1.62
N GLU B 311 32.11 0.17 1.57
CA GLU B 311 32.08 -1.11 0.85
C GLU B 311 32.32 -0.92 -0.64
N THR B 312 31.53 -0.03 -1.25
CA THR B 312 31.65 0.29 -2.69
C THR B 312 33.00 0.94 -2.99
N GLU B 313 33.53 1.62 -1.98
CA GLU B 313 34.81 2.30 -2.13
C GLU B 313 35.84 1.21 -2.49
N LYS B 314 35.91 0.21 -1.62
CA LYS B 314 36.82 -0.95 -1.76
C LYS B 314 36.61 -1.70 -3.07
N MET B 315 35.35 -1.84 -3.44
CA MET B 315 34.93 -2.64 -4.60
C MET B 315 35.44 -2.11 -5.94
N VAL B 316 35.37 -0.79 -6.09
CA VAL B 316 35.87 -0.12 -7.32
C VAL B 316 37.40 -0.06 -7.38
N GLN B 317 38.04 0.00 -6.21
CA GLN B 317 39.51 -0.10 -6.13
C GLN B 317 40.05 -1.37 -6.78
N ALA B 318 39.19 -2.38 -6.89
CA ALA B 318 39.54 -3.60 -7.63
C ALA B 318 39.97 -3.29 -9.05
N TYR B 319 39.44 -2.20 -9.60
CA TYR B 319 39.50 -1.96 -11.04
C TYR B 319 40.62 -1.04 -11.46
N PRO B 320 41.19 -1.30 -12.66
CA PRO B 320 42.29 -0.51 -13.21
C PRO B 320 41.86 0.93 -13.52
N ARG B 321 40.62 1.05 -13.98
CA ARG B 321 40.02 2.35 -14.28
C ARG B 321 38.64 2.59 -13.63
N ILE B 322 38.61 3.68 -12.85
CA ILE B 322 37.40 4.18 -12.20
C ILE B 322 36.94 5.46 -12.85
N LEU B 323 35.73 5.44 -13.37
CA LEU B 323 35.06 6.66 -13.83
C LEU B 323 33.93 7.02 -12.87
N TYR B 324 34.15 8.13 -12.19
CA TYR B 324 33.32 8.63 -11.12
C TYR B 324 32.77 10.03 -11.43
N ILE B 325 31.47 10.12 -11.63
CA ILE B 325 30.82 11.40 -11.79
C ILE B 325 30.07 11.72 -10.50
N SER B 326 30.29 12.93 -10.01
CA SER B 326 29.73 13.39 -8.74
C SER B 326 28.86 14.64 -8.81
N CYS B 327 27.87 14.70 -7.92
CA CYS B 327 27.03 15.89 -7.78
C CYS B 327 27.24 16.54 -6.43
N ASN B 328 28.41 16.23 -5.88
CA ASN B 328 28.88 16.74 -4.59
C ASN B 328 30.39 16.51 -4.44
N PRO B 329 31.21 17.54 -4.67
CA PRO B 329 32.62 17.29 -4.72
C PRO B 329 33.16 16.97 -3.32
N GLU B 330 32.45 17.45 -2.32
CA GLU B 330 32.82 17.21 -0.94
C GLU B 330 33.02 15.74 -0.66
N THR B 331 32.01 14.95 -1.02
CA THR B 331 32.01 13.48 -0.76
C THR B 331 32.90 12.73 -1.75
N LEU B 332 33.11 13.33 -2.92
CA LEU B 332 34.03 12.77 -3.92
C LEU B 332 35.44 12.84 -3.37
N CYS B 333 35.71 13.91 -2.64
CA CYS B 333 37.01 14.13 -2.00
C CYS B 333 37.23 13.26 -0.78
N LYS B 334 36.17 12.99 -0.03
CA LYS B 334 36.28 12.03 1.08
C LYS B 334 36.64 10.67 0.50
N ASN B 335 35.85 10.25 -0.48
CA ASN B 335 36.12 9.02 -1.22
C ASN B 335 37.58 8.98 -1.69
N LEU B 336 38.02 10.09 -2.23
CA LEU B 336 39.36 10.21 -2.85
C LEU B 336 40.53 10.07 -1.84
N GLU B 337 40.27 10.26 -0.55
CA GLU B 337 41.32 10.10 0.49
C GLU B 337 41.78 8.65 0.49
N THR B 338 40.82 7.77 0.26
CA THR B 338 41.08 6.35 0.05
C THR B 338 41.50 6.03 -1.37
N LEU B 339 40.69 6.40 -2.34
CA LEU B 339 40.93 6.03 -3.74
C LEU B 339 42.27 6.52 -4.30
N SER B 340 42.80 7.59 -3.72
CA SER B 340 44.06 8.18 -4.22
C SER B 340 45.25 7.28 -3.90
N GLN B 341 45.14 6.59 -2.77
CA GLN B 341 46.16 5.67 -2.27
C GLN B 341 46.51 4.66 -3.36
N THR B 342 45.50 4.10 -4.02
CA THR B 342 45.70 3.09 -5.08
C THR B 342 45.63 3.63 -6.52
N HIS B 343 44.99 4.80 -6.69
CA HIS B 343 44.85 5.37 -8.05
C HIS B 343 45.36 6.83 -8.18
N LYS B 344 45.70 7.18 -9.42
CA LYS B 344 46.06 8.54 -9.78
C LYS B 344 44.91 9.19 -10.59
N VAL B 345 44.76 10.51 -10.42
CA VAL B 345 43.79 11.28 -11.21
C VAL B 345 44.33 11.51 -12.62
N GLU B 346 43.62 10.96 -13.60
CA GLU B 346 44.02 11.07 -15.00
C GLU B 346 43.32 12.30 -15.61
N ARG B 347 42.02 12.39 -15.41
CA ARG B 347 41.24 13.49 -15.98
C ARG B 347 40.23 14.10 -15.01
N LEU B 348 39.91 15.37 -15.26
CA LEU B 348 39.15 16.23 -14.33
C LEU B 348 38.25 17.25 -15.03
N ALA B 349 36.94 17.18 -14.71
CA ALA B 349 35.92 18.09 -15.29
C ALA B 349 35.02 18.72 -14.21
N LEU B 350 34.70 20.00 -14.43
CA LEU B 350 33.58 20.69 -13.77
C LEU B 350 32.41 20.81 -14.75
N PHE B 351 31.22 20.46 -14.27
CA PHE B 351 29.98 20.60 -15.07
C PHE B 351 29.05 21.49 -14.28
N ASP B 352 28.66 22.60 -14.88
CA ASP B 352 27.86 23.57 -14.13
C ASP B 352 26.39 23.25 -14.27
N GLN B 353 25.99 22.17 -13.58
CA GLN B 353 24.62 21.65 -13.73
C GLN B 353 23.63 22.51 -12.96
N PHE B 354 24.12 23.09 -11.88
CA PHE B 354 23.30 23.86 -10.99
C PHE B 354 23.71 25.34 -10.93
N PRO B 355 23.57 26.07 -12.02
CA PRO B 355 23.90 27.47 -11.92
C PRO B 355 23.10 28.27 -10.88
N TYR B 356 23.80 29.31 -10.46
CA TYR B 356 23.30 30.30 -9.48
C TYR B 356 23.07 29.70 -8.12
N THR B 357 23.65 28.53 -7.89
CA THR B 357 23.63 27.90 -6.59
C THR B 357 25.05 27.52 -6.24
N HIS B 358 25.22 27.02 -5.04
CA HIS B 358 26.51 26.57 -4.53
C HIS B 358 26.89 25.18 -5.05
N HIS B 359 25.93 24.46 -5.61
CA HIS B 359 26.18 23.08 -6.05
C HIS B 359 27.08 22.98 -7.26
N MET B 360 27.87 21.92 -7.32
CA MET B 360 28.76 21.64 -8.44
C MET B 360 28.68 20.18 -8.82
N GLN B 361 28.63 19.94 -10.12
CA GLN B 361 28.74 18.62 -10.67
C GLN B 361 30.18 18.56 -11.17
N CYS B 362 30.71 17.35 -11.21
CA CYS B 362 32.07 17.18 -11.68
C CYS B 362 32.38 15.72 -11.97
N GLY B 363 33.57 15.53 -12.49
CA GLY B 363 33.97 14.20 -12.95
C GLY B 363 35.46 13.91 -12.94
N VAL B 364 35.77 12.68 -12.63
CA VAL B 364 37.14 12.25 -12.41
C VAL B 364 37.37 10.89 -13.13
N LEU B 365 38.52 10.76 -13.79
CA LEU B 365 38.95 9.44 -14.33
C LEU B 365 40.21 9.06 -13.62
N LEU B 366 40.10 8.01 -12.81
CA LEU B 366 41.23 7.49 -12.01
C LEU B 366 41.79 6.19 -12.56
N THR B 367 43.10 6.17 -12.78
CA THR B 367 43.80 4.95 -13.26
C THR B 367 44.74 4.41 -12.17
N ALA B 368 44.72 3.07 -12.07
CA ALA B 368 45.56 2.31 -11.11
C ALA B 368 47.03 2.70 -11.11
N LYS B 369 47.52 3.08 -9.93
CA LYS B 369 48.95 3.37 -9.71
C LYS B 369 49.82 2.16 -10.08
N1 5MU C 7 -16.47 -13.52 19.09
C2 5MU C 7 -17.50 -13.97 18.29
N3 5MU C 7 -18.81 -13.45 18.44
C4 5MU C 7 -19.09 -12.44 19.36
C5 5MU C 7 -18.02 -11.66 19.73
C5M 5MU C 7 -18.14 -10.21 19.41
C6 5MU C 7 -16.62 -12.30 19.91
O2 5MU C 7 -17.32 -14.86 17.45
O4 5MU C 7 -20.24 -11.99 19.46
C1' 5MU C 7 -15.12 -14.00 18.94
C2' 5MU C 7 -15.02 -15.51 18.96
O2' 5MU C 7 -14.14 -15.88 20.08
C3' 5MU C 7 -14.48 -15.88 17.55
C4' 5MU C 7 -13.67 -14.64 17.30
O3' 5MU C 7 -13.60 -16.94 17.67
O4' 5MU C 7 -14.63 -13.57 17.61
C5' 5MU C 7 -13.24 -14.40 15.91
O5' 5MU C 7 -13.06 -12.98 15.78
P 5MU C 7 -12.39 -12.39 14.43
OP1 5MU C 7 -12.85 -13.09 13.19
OP2 5MU C 7 -12.61 -10.78 14.62
N1 5MU D 7 22.47 14.39 -8.17
C2 5MU D 7 22.42 14.71 -9.46
N3 5MU D 7 23.33 14.12 -10.28
C4 5MU D 7 24.23 13.18 -9.87
C5 5MU D 7 24.02 12.54 -8.69
C5M 5MU D 7 23.33 11.18 -8.76
C6 5MU D 7 23.48 13.47 -7.62
O2 5MU D 7 21.61 15.51 -9.90
O4 5MU D 7 24.99 12.72 -10.74
C1' 5MU D 7 21.51 14.95 -7.24
C2' 5MU D 7 21.32 16.44 -7.34
O2' 5MU D 7 21.83 16.94 -6.13
C3' 5MU D 7 19.79 16.55 -7.42
C4' 5MU D 7 19.39 15.35 -6.65
O3' 5MU D 7 19.32 17.67 -6.76
O4' 5MU D 7 20.19 14.44 -7.39
C5' 5MU D 7 17.95 15.06 -7.21
O5' 5MU D 7 17.76 13.65 -7.18
P 5MU D 7 16.38 13.06 -6.86
OP1 5MU D 7 15.46 13.45 -7.98
OP2 5MU D 7 16.80 11.56 -6.82
#